data_7YX5
#
_entry.id   7YX5
#
_cell.length_a   1.00
_cell.length_b   1.00
_cell.length_c   1.00
_cell.angle_alpha   90.00
_cell.angle_beta   90.00
_cell.angle_gamma   90.00
#
_symmetry.space_group_name_H-M   'P 1'
#
loop_
_entity.id
_entity.type
_entity.pdbx_description
1 polymer 'Putative glucose-methanol-choline oxidoreductase protein'
2 non-polymer 'FLAVIN-ADENINE DINUCLEOTIDE'
#
_entity_poly.entity_id   1
_entity_poly.type   'polypeptide(L)'
_entity_poly.pdbx_seq_one_letter_code
;MAHRSRCNCNDTSNSNGSQHGINLPLRKIDTYDPCVNCRVKPHLCPKPHPCPKPENLEADIVIIGAGAAGCVLAYYLTKF
SDLKIILLEAGHTHFNDPVVTDPMGFFGKYNPPNENIRMSQNPSYAWQPALEPDTGAYSMRNVVAHGLAVGGSTAINQLN
YIVGGRTVFDNDWPTGWKYDDIKKYFRRVLADISPIRDGTKVNLTNTILESMRVLADQQVSSGVPVDFLINKATGGLPNI
EQTYQGAPIVNLNDYEGINSVCGFKSYYVGVNQLSDGSYIRKYAGNTYLNSYYVDSNGFGIGKFSNLRVISDAVVDRIHF
EGQRAVSVTYIDKKGNLHSVKVHKEVEICSGSFFTPTILQRSGIGDFSYLSSIGVPDLVYNNPLVGQGLRNHYSPITQVS
VTGPDAAAFLSNTAAGPTNMSFRGAGMLGYHKLEPNKPSNAGSVTYRKYELLVTGGVAISADQQYLSGISSSTGNYFALI
ADDIRFAPVGYIKIGTPNFPRDTPKIFFNTFVNYTPTTDPADQQWPVAQKTLAPLISALLGYDAIYQIVQQMKVVAVNAG
FNVTLQMAYPPNDLLVELHNGLNTYGINWWHYFVPSLVNDDTPAGKLFASTLSKLSYYPRSGAHLDSHQSCSCSIGGTVD
TELKVIGVENVRVTDLSAAPHPPGGNTWCTAAMIGARATDLILGKPLVANLPPEDVPVFTTS
;
_entity_poly.pdbx_strand_id   A
#
loop_
_chem_comp.id
_chem_comp.type
_chem_comp.name
_chem_comp.formula
FAD non-polymer 'FLAVIN-ADENINE DINUCLEOTIDE' 'C27 H33 N9 O15 P2'
#
# COMPACT_ATOMS: atom_id res chain seq x y z
N ASN A 56 -39.42 -6.00 8.31
CA ASN A 56 -39.08 -5.27 7.11
C ASN A 56 -37.95 -4.30 7.45
N LEU A 57 -37.06 -4.10 6.49
CA LEU A 57 -35.85 -3.32 6.72
C LEU A 57 -35.63 -2.34 5.58
N GLU A 58 -36.65 -1.54 5.30
CA GLU A 58 -36.55 -0.53 4.26
C GLU A 58 -35.40 0.44 4.53
N ALA A 59 -34.76 0.89 3.46
CA ALA A 59 -33.63 1.79 3.57
C ALA A 59 -33.45 2.57 2.27
N ASP A 60 -32.68 3.63 2.34
CA ASP A 60 -32.23 4.34 1.16
C ASP A 60 -30.73 4.60 1.13
N ILE A 61 -30.11 4.87 2.27
CA ILE A 61 -28.65 4.82 2.40
C ILE A 61 -28.32 3.38 2.75
N VAL A 62 -27.53 2.72 1.91
CA VAL A 62 -27.15 1.33 2.14
C VAL A 62 -25.66 1.18 1.85
N ILE A 63 -24.85 1.19 2.91
CA ILE A 63 -23.41 0.99 2.79
C ILE A 63 -23.13 -0.50 2.94
N ILE A 64 -22.31 -1.04 2.05
CA ILE A 64 -21.90 -2.44 2.11
C ILE A 64 -20.44 -2.48 2.52
N GLY A 65 -20.19 -2.58 3.82
CA GLY A 65 -18.84 -2.77 4.30
C GLY A 65 -18.30 -1.58 5.06
N ALA A 66 -17.84 -1.81 6.30
CA ALA A 66 -17.26 -0.75 7.11
C ALA A 66 -15.74 -0.81 7.07
N GLY A 67 -15.18 -0.57 5.89
CA GLY A 67 -13.75 -0.53 5.71
C GLY A 67 -13.14 0.75 6.26
N ALA A 68 -12.00 1.13 5.68
CA ALA A 68 -11.43 2.44 6.00
C ALA A 68 -12.22 3.55 5.34
N ALA A 69 -12.89 3.24 4.24
CA ALA A 69 -13.74 4.20 3.53
C ALA A 69 -15.20 4.09 3.92
N GLY A 70 -15.65 2.91 4.38
CA GLY A 70 -17.02 2.79 4.83
C GLY A 70 -17.29 3.58 6.09
N CYS A 71 -16.33 3.58 7.03
CA CYS A 71 -16.54 4.27 8.30
C CYS A 71 -16.62 5.77 8.12
N VAL A 72 -15.69 6.35 7.35
CA VAL A 72 -15.71 7.79 7.12
C VAL A 72 -17.01 8.20 6.46
N LEU A 73 -17.35 7.51 5.37
CA LEU A 73 -18.56 7.81 4.62
C LEU A 73 -19.78 7.74 5.52
N ALA A 74 -19.96 6.64 6.25
CA ALA A 74 -21.14 6.48 7.08
C ALA A 74 -21.19 7.53 8.18
N TYR A 75 -20.05 7.77 8.83
CA TYR A 75 -20.03 8.69 9.97
C TYR A 75 -20.40 10.11 9.54
N TYR A 76 -19.71 10.63 8.53
CA TYR A 76 -20.00 12.01 8.16
C TYR A 76 -21.30 12.14 7.38
N LEU A 77 -21.70 11.12 6.62
CA LEU A 77 -22.99 11.15 5.96
C LEU A 77 -24.13 11.20 6.97
N THR A 78 -24.02 10.45 8.06
CA THR A 78 -25.06 10.49 9.09
C THR A 78 -24.94 11.76 9.94
N LYS A 79 -23.75 12.35 10.03
CA LYS A 79 -23.61 13.57 10.81
C LYS A 79 -24.39 14.74 10.20
N PHE A 80 -24.28 14.94 8.89
CA PHE A 80 -24.84 16.11 8.25
C PHE A 80 -26.07 15.80 7.41
N SER A 81 -26.72 14.67 7.65
CA SER A 81 -27.89 14.30 6.86
C SER A 81 -28.85 13.50 7.73
N ASP A 82 -30.14 13.54 7.38
CA ASP A 82 -31.16 12.85 8.14
C ASP A 82 -31.94 11.83 7.30
N LEU A 83 -31.24 11.01 6.52
CA LEU A 83 -31.85 9.90 5.79
C LEU A 83 -31.83 8.67 6.71
N LYS A 84 -32.20 7.50 6.20
CA LYS A 84 -31.99 6.26 6.92
C LYS A 84 -30.74 5.56 6.39
N ILE A 85 -29.91 5.08 7.30
CA ILE A 85 -28.62 4.52 6.95
C ILE A 85 -28.52 3.12 7.56
N ILE A 86 -28.31 2.11 6.71
CA ILE A 86 -27.96 0.77 7.15
C ILE A 86 -26.53 0.47 6.70
N LEU A 87 -25.72 -0.01 7.63
CA LEU A 87 -24.32 -0.32 7.37
C LEU A 87 -24.11 -1.82 7.56
N LEU A 88 -24.05 -2.55 6.46
CA LEU A 88 -23.95 -4.00 6.46
C LEU A 88 -22.48 -4.40 6.44
N GLU A 89 -22.01 -4.97 7.54
CA GLU A 89 -20.57 -4.93 7.83
C GLU A 89 -19.88 -6.29 7.80
N ALA A 90 -20.50 -7.33 8.37
CA ALA A 90 -19.92 -8.68 8.44
C ALA A 90 -18.59 -8.69 9.20
N GLY A 91 -18.70 -8.40 10.50
CA GLY A 91 -17.59 -8.52 11.42
C GLY A 91 -18.05 -8.06 12.79
N HIS A 92 -17.28 -8.27 13.84
CA HIS A 92 -17.71 -7.73 15.11
C HIS A 92 -16.65 -6.77 15.64
N THR A 93 -16.98 -6.10 16.73
CA THR A 93 -16.19 -4.98 17.24
C THR A 93 -15.23 -5.49 18.30
N HIS A 94 -13.94 -5.50 17.99
CA HIS A 94 -12.94 -6.01 18.92
C HIS A 94 -12.53 -4.96 19.94
N PHE A 95 -13.51 -4.34 20.59
CA PHE A 95 -13.20 -3.28 21.54
C PHE A 95 -12.47 -3.77 22.78
N ASN A 96 -12.67 -5.02 23.19
CA ASN A 96 -12.07 -5.55 24.39
C ASN A 96 -10.89 -6.48 24.15
N ASP A 97 -10.71 -6.96 22.92
CA ASP A 97 -9.67 -7.94 22.62
C ASP A 97 -8.30 -7.32 22.86
N PRO A 98 -7.57 -7.75 23.88
CA PRO A 98 -6.29 -7.09 24.19
C PRO A 98 -5.28 -7.17 23.05
N VAL A 99 -5.34 -8.20 22.21
CA VAL A 99 -4.35 -8.32 21.16
C VAL A 99 -4.54 -7.24 20.10
N VAL A 100 -5.79 -6.84 19.86
CA VAL A 100 -6.03 -5.89 18.78
C VAL A 100 -5.87 -4.46 19.28
N THR A 101 -6.13 -4.23 20.57
CA THR A 101 -5.97 -2.88 21.09
C THR A 101 -4.49 -2.57 21.32
N ASP A 102 -3.80 -3.41 22.06
CA ASP A 102 -2.39 -3.19 22.25
C ASP A 102 -1.66 -3.36 20.92
N PRO A 103 -0.92 -2.36 20.46
CA PRO A 103 -0.16 -2.54 19.22
C PRO A 103 0.87 -3.66 19.28
N MET A 104 1.48 -3.90 20.45
CA MET A 104 2.40 -5.02 20.57
C MET A 104 1.74 -6.36 20.27
N GLY A 105 0.43 -6.48 20.49
CA GLY A 105 -0.26 -7.71 20.14
C GLY A 105 -0.15 -8.05 18.67
N PHE A 106 0.11 -7.06 17.82
CA PHE A 106 0.42 -7.33 16.44
C PHE A 106 1.62 -8.28 16.34
N PHE A 107 2.52 -8.21 17.32
CA PHE A 107 3.71 -9.04 17.32
C PHE A 107 3.64 -10.16 18.35
N GLY A 108 2.46 -10.75 18.54
CA GLY A 108 2.30 -11.98 19.28
C GLY A 108 2.69 -11.99 20.74
N LYS A 109 2.32 -10.95 21.49
CA LYS A 109 2.52 -10.98 22.92
C LYS A 109 1.50 -11.85 23.64
N TYR A 110 0.30 -11.99 23.07
CA TYR A 110 -0.80 -12.68 23.72
C TYR A 110 -1.09 -14.05 23.14
N ASN A 111 -0.45 -14.43 22.04
CA ASN A 111 -0.74 -15.72 21.45
C ASN A 111 -0.41 -16.85 22.43
N PRO A 112 -1.33 -17.78 22.65
CA PRO A 112 -0.99 -18.95 23.44
C PRO A 112 0.03 -19.80 22.70
N PRO A 113 0.83 -20.59 23.44
CA PRO A 113 2.04 -21.17 22.83
C PRO A 113 1.78 -22.06 21.63
N ASN A 114 0.60 -22.69 21.57
CA ASN A 114 0.36 -23.64 20.49
C ASN A 114 0.23 -22.95 19.14
N GLU A 115 -0.22 -21.69 19.12
CA GLU A 115 -0.79 -21.13 17.91
C GLU A 115 -0.20 -19.76 17.55
N ASN A 116 1.11 -19.60 17.71
CA ASN A 116 1.73 -18.29 17.48
C ASN A 116 1.65 -17.97 16.01
N ILE A 117 0.67 -17.15 15.64
CA ILE A 117 0.44 -16.74 14.27
C ILE A 117 0.13 -15.25 14.27
N ARG A 118 0.10 -14.66 13.07
CA ARG A 118 -0.30 -13.28 13.00
C ARG A 118 -1.71 -13.14 12.45
N MET A 119 -2.38 -12.08 12.89
CA MET A 119 -3.79 -11.89 12.60
C MET A 119 -4.06 -11.83 11.11
N SER A 120 -3.05 -11.51 10.31
CA SER A 120 -3.24 -11.54 8.87
C SER A 120 -3.43 -12.94 8.34
N GLN A 121 -3.08 -13.97 9.12
CA GLN A 121 -3.30 -15.35 8.75
C GLN A 121 -4.51 -15.96 9.44
N ASN A 122 -4.78 -15.57 10.68
CA ASN A 122 -5.86 -16.13 11.48
C ASN A 122 -7.18 -15.93 10.74
N PRO A 123 -7.98 -16.98 10.55
CA PRO A 123 -9.24 -16.81 9.83
C PRO A 123 -10.33 -16.15 10.65
N SER A 124 -10.15 -16.02 11.95
CA SER A 124 -11.12 -15.27 12.73
C SER A 124 -11.01 -13.77 12.49
N TYR A 125 -9.92 -13.32 11.87
CA TYR A 125 -9.66 -11.90 11.71
C TYR A 125 -9.64 -11.42 10.28
N ALA A 126 -9.30 -12.26 9.31
CA ALA A 126 -9.07 -11.75 7.97
C ALA A 126 -9.54 -12.75 6.93
N TRP A 127 -10.12 -12.23 5.87
CA TRP A 127 -10.42 -13.03 4.69
C TRP A 127 -9.12 -13.51 4.06
N GLN A 128 -9.17 -14.72 3.50
CA GLN A 128 -7.97 -15.40 3.01
C GLN A 128 -8.15 -15.84 1.57
N PRO A 129 -8.10 -14.89 0.64
CA PRO A 129 -7.97 -15.27 -0.77
C PRO A 129 -6.60 -15.86 -1.04
N ALA A 130 -6.55 -16.75 -2.02
CA ALA A 130 -5.31 -17.35 -2.49
C ALA A 130 -5.17 -17.03 -3.97
N LEU A 131 -4.10 -16.35 -4.34
CA LEU A 131 -3.94 -15.96 -5.73
C LEU A 131 -3.48 -17.14 -6.57
N GLU A 132 -3.69 -17.04 -7.86
CA GLU A 132 -3.24 -18.06 -8.78
C GLU A 132 -1.72 -18.03 -8.84
N PRO A 133 -1.10 -19.12 -9.28
CA PRO A 133 0.37 -19.17 -9.26
C PRO A 133 0.99 -18.06 -10.07
N ASP A 134 2.08 -17.49 -9.54
CA ASP A 134 2.77 -16.39 -10.20
C ASP A 134 3.82 -16.97 -11.14
N THR A 135 3.54 -16.89 -12.44
CA THR A 135 4.45 -17.44 -13.42
C THR A 135 5.80 -16.74 -13.41
N GLY A 136 5.87 -15.53 -12.88
CA GLY A 136 7.11 -14.80 -12.78
C GLY A 136 7.90 -15.06 -11.52
N ALA A 137 7.39 -15.83 -10.59
CA ALA A 137 8.06 -16.12 -9.33
C ALA A 137 8.01 -17.61 -9.03
N TYR A 138 8.32 -18.41 -10.04
CA TYR A 138 8.40 -19.87 -9.90
C TYR A 138 7.07 -20.48 -9.50
N SER A 139 5.98 -19.93 -10.03
CA SER A 139 4.64 -20.50 -9.91
C SER A 139 4.28 -20.81 -8.45
N MET A 140 4.41 -19.80 -7.61
CA MET A 140 4.05 -19.91 -6.22
C MET A 140 2.84 -19.01 -5.96
N ARG A 141 1.95 -19.47 -5.09
CA ARG A 141 0.65 -18.83 -4.88
C ARG A 141 0.66 -18.11 -3.54
N ASN A 142 0.24 -16.84 -3.56
CA ASN A 142 0.27 -15.99 -2.38
C ASN A 142 -1.12 -15.85 -1.75
N VAL A 143 -1.12 -15.60 -0.45
CA VAL A 143 -2.34 -15.31 0.30
C VAL A 143 -2.17 -13.93 0.92
N VAL A 144 -3.12 -13.04 0.64
CA VAL A 144 -3.13 -11.69 1.19
C VAL A 144 -4.48 -11.47 1.86
N ALA A 145 -4.54 -10.51 2.76
CA ALA A 145 -5.64 -10.39 3.69
C ALA A 145 -6.42 -9.08 3.52
N HIS A 146 -7.73 -9.20 3.39
CA HIS A 146 -8.66 -8.12 3.68
C HIS A 146 -9.15 -8.30 5.11
N GLY A 147 -9.28 -7.20 5.84
CA GLY A 147 -9.71 -7.30 7.22
C GLY A 147 -11.13 -7.81 7.34
N LEU A 148 -11.45 -8.33 8.53
CA LEU A 148 -12.80 -8.79 8.87
C LEU A 148 -13.10 -8.26 10.27
N ALA A 149 -13.63 -7.05 10.33
CA ALA A 149 -14.01 -6.37 11.56
C ALA A 149 -14.61 -5.03 11.15
N VAL A 150 -15.30 -4.38 12.09
CA VAL A 150 -15.70 -3.01 11.86
C VAL A 150 -14.44 -2.16 11.76
N GLY A 151 -14.39 -1.30 10.74
CA GLY A 151 -13.17 -0.60 10.40
C GLY A 151 -12.35 -1.28 9.33
N GLY A 152 -12.69 -2.51 8.96
CA GLY A 152 -12.05 -3.14 7.82
C GLY A 152 -10.59 -3.46 8.08
N SER A 153 -9.78 -3.35 7.03
CA SER A 153 -8.38 -3.73 7.13
C SER A 153 -7.64 -2.98 8.21
N THR A 154 -8.12 -1.78 8.57
CA THR A 154 -7.47 -0.98 9.60
C THR A 154 -7.32 -1.74 10.90
N ALA A 155 -8.21 -2.68 11.19
CA ALA A 155 -8.12 -3.41 12.45
C ALA A 155 -6.87 -4.28 12.53
N ILE A 156 -6.34 -4.74 11.40
CA ILE A 156 -5.26 -5.70 11.38
C ILE A 156 -4.03 -5.19 10.65
N ASN A 157 -3.88 -3.87 10.53
CA ASN A 157 -2.87 -3.26 9.68
C ASN A 157 -1.59 -2.95 10.45
N GLN A 158 -0.64 -2.32 9.75
CA GLN A 158 0.64 -1.91 10.31
C GLN A 158 0.71 -0.40 10.58
N LEU A 159 -0.37 0.34 10.34
CA LEU A 159 -0.53 1.72 10.83
C LEU A 159 0.51 2.69 10.25
N ASN A 160 0.39 2.96 8.95
CA ASN A 160 1.18 4.02 8.33
C ASN A 160 0.27 5.02 7.61
N TYR A 161 0.80 6.22 7.36
CA TYR A 161 0.00 7.38 6.93
C TYR A 161 0.66 8.17 5.82
N ILE A 162 1.12 7.53 4.77
CA ILE A 162 1.71 8.32 3.70
C ILE A 162 0.60 8.77 2.76
N VAL A 163 0.46 10.09 2.59
CA VAL A 163 -0.73 10.65 1.98
C VAL A 163 -0.69 10.65 0.46
N GLY A 164 0.48 10.48 -0.14
CA GLY A 164 0.52 10.59 -1.59
C GLY A 164 0.73 12.02 -2.03
N GLY A 165 1.84 12.24 -2.72
CA GLY A 165 2.30 13.58 -2.97
C GLY A 165 1.50 14.32 -4.04
N ARG A 166 1.92 15.56 -4.26
CA ARG A 166 1.31 16.41 -5.28
C ARG A 166 1.35 15.77 -6.65
N THR A 167 2.53 15.27 -7.04
CA THR A 167 2.74 14.85 -8.41
C THR A 167 1.74 13.79 -8.83
N VAL A 168 1.55 12.76 -8.01
CA VAL A 168 0.81 11.58 -8.43
C VAL A 168 -0.65 11.93 -8.75
N PHE A 169 -1.31 12.71 -7.90
CA PHE A 169 -2.71 13.03 -8.17
C PHE A 169 -2.83 14.10 -9.24
N ASP A 170 -1.93 15.09 -9.25
CA ASP A 170 -2.03 16.17 -10.22
C ASP A 170 -1.84 15.68 -11.65
N ASN A 171 -0.89 14.79 -11.88
CA ASN A 171 -0.68 14.30 -13.24
C ASN A 171 -1.19 12.90 -13.48
N ASP A 172 -1.79 12.25 -12.48
CA ASP A 172 -2.28 10.89 -12.61
C ASP A 172 -3.77 10.75 -12.34
N TRP A 173 -4.43 11.81 -11.88
CA TRP A 173 -5.82 11.66 -11.53
C TRP A 173 -6.66 12.65 -12.31
N PRO A 174 -7.90 12.29 -12.63
CA PRO A 174 -8.66 13.08 -13.62
C PRO A 174 -9.10 14.42 -13.06
N THR A 175 -9.81 15.15 -13.92
CA THR A 175 -10.25 16.50 -13.57
C THR A 175 -11.22 16.46 -12.40
N GLY A 176 -11.02 17.38 -11.46
CA GLY A 176 -11.79 17.42 -10.25
C GLY A 176 -11.21 16.62 -9.11
N TRP A 177 -10.12 15.89 -9.34
CA TRP A 177 -9.47 15.12 -8.29
C TRP A 177 -8.01 15.53 -8.11
N LYS A 178 -7.60 16.63 -8.72
CA LYS A 178 -6.23 17.10 -8.59
C LYS A 178 -5.88 17.33 -7.12
N TYR A 179 -4.59 17.50 -6.86
CA TYR A 179 -4.11 17.64 -5.49
C TYR A 179 -4.77 18.84 -4.80
N ASP A 180 -4.90 19.94 -5.51
CA ASP A 180 -5.53 21.11 -4.90
C ASP A 180 -7.01 20.93 -4.66
N ASP A 181 -7.65 19.99 -5.36
CA ASP A 181 -9.09 19.84 -5.25
C ASP A 181 -9.51 18.90 -4.12
N ILE A 182 -8.57 18.23 -3.48
CA ILE A 182 -8.91 17.21 -2.50
C ILE A 182 -8.10 17.36 -1.22
N LYS A 183 -7.05 18.18 -1.26
CA LYS A 183 -6.14 18.25 -0.11
C LYS A 183 -6.86 18.62 1.17
N LYS A 184 -8.01 19.30 1.06
CA LYS A 184 -8.82 19.58 2.24
C LYS A 184 -9.27 18.30 2.90
N TYR A 185 -9.73 17.33 2.12
CA TYR A 185 -10.17 16.06 2.68
C TYR A 185 -9.03 15.36 3.38
N PHE A 186 -7.85 15.38 2.79
CA PHE A 186 -6.70 14.75 3.42
C PHE A 186 -6.35 15.41 4.73
N ARG A 187 -6.41 16.74 4.76
CA ARG A 187 -6.22 17.45 6.03
C ARG A 187 -7.22 16.98 7.06
N ARG A 188 -8.49 16.82 6.64
CA ARG A 188 -9.53 16.40 7.56
C ARG A 188 -9.21 15.04 8.18
N VAL A 189 -8.81 14.07 7.34
CA VAL A 189 -8.64 12.71 7.86
C VAL A 189 -7.37 12.59 8.70
N LEU A 190 -6.26 13.18 8.25
CA LEU A 190 -5.06 13.14 9.09
C LEU A 190 -5.31 13.90 10.39
N ALA A 191 -6.23 14.86 10.38
CA ALA A 191 -6.59 15.53 11.63
C ALA A 191 -7.40 14.61 12.53
N ASP A 192 -8.39 13.91 11.95
CA ASP A 192 -9.24 13.04 12.77
C ASP A 192 -8.41 11.98 13.47
N ILE A 193 -7.44 11.39 12.78
CA ILE A 193 -6.60 10.38 13.44
C ILE A 193 -5.65 11.04 14.44
N SER A 194 -4.93 12.06 14.00
CA SER A 194 -3.86 12.65 14.79
C SER A 194 -2.85 11.57 15.20
N PRO A 195 -2.07 11.06 14.26
CA PRO A 195 -1.04 10.07 14.61
C PRO A 195 0.11 10.72 15.36
N ILE A 196 1.05 9.88 15.79
CA ILE A 196 2.13 10.29 16.66
C ILE A 196 3.42 9.71 16.12
N ARG A 197 4.53 10.33 16.49
CA ARG A 197 5.85 9.89 16.08
C ARG A 197 6.65 9.40 17.29
N ASP A 198 7.84 8.89 16.99
CA ASP A 198 8.82 8.60 18.02
C ASP A 198 9.80 9.76 18.11
N GLY A 199 10.31 10.01 19.32
CA GLY A 199 11.27 11.07 19.50
C GLY A 199 12.52 10.63 20.22
N THR A 200 12.96 9.41 19.98
CA THR A 200 14.14 8.87 20.64
C THR A 200 15.27 8.84 19.63
N LYS A 201 16.50 8.94 20.13
CA LYS A 201 17.66 9.01 19.25
C LYS A 201 18.12 7.60 18.88
N VAL A 202 18.58 7.45 17.64
CA VAL A 202 19.23 6.22 17.19
C VAL A 202 20.31 6.59 16.18
N ASN A 203 21.53 6.13 16.44
CA ASN A 203 22.68 6.51 15.62
C ASN A 203 22.61 5.96 14.21
N LEU A 204 21.86 4.87 14.02
CA LEU A 204 21.74 4.29 12.69
C LEU A 204 21.09 5.25 11.71
N THR A 205 19.97 5.85 12.10
CA THR A 205 19.26 6.78 11.23
C THR A 205 20.11 8.00 10.93
N ASN A 206 20.85 8.50 11.91
CA ASN A 206 21.73 9.62 11.68
C ASN A 206 22.80 9.26 10.66
N THR A 207 23.41 8.07 10.81
CA THR A 207 24.37 7.59 9.82
C THR A 207 23.77 7.62 8.42
N ILE A 208 22.57 7.06 8.28
CA ILE A 208 21.92 6.99 6.98
C ILE A 208 21.71 8.39 6.40
N LEU A 209 21.18 9.30 7.22
CA LEU A 209 20.77 10.61 6.70
C LEU A 209 21.98 11.47 6.35
N GLU A 210 23.07 11.34 7.10
CA GLU A 210 24.26 12.10 6.73
C GLU A 210 24.94 11.53 5.48
N SER A 211 24.93 10.20 5.34
CA SER A 211 25.37 9.61 4.07
C SER A 211 24.52 10.12 2.91
N MET A 212 23.21 10.20 3.11
CA MET A 212 22.33 10.72 2.06
C MET A 212 22.67 12.15 1.71
N ARG A 213 22.90 13.00 2.71
CA ARG A 213 23.33 14.36 2.41
C ARG A 213 24.60 14.34 1.57
N VAL A 214 25.58 13.55 1.99
CA VAL A 214 26.85 13.48 1.27
C VAL A 214 26.59 13.21 -0.21
N LEU A 215 25.75 12.21 -0.49
CA LEU A 215 25.58 11.77 -1.88
C LEU A 215 24.72 12.76 -2.66
N ALA A 216 23.69 13.32 -2.02
CA ALA A 216 22.82 14.26 -2.73
C ALA A 216 23.55 15.55 -3.10
N ASP A 217 24.59 15.92 -2.36
CA ASP A 217 25.41 17.06 -2.78
C ASP A 217 26.13 16.79 -4.10
N GLN A 218 26.68 15.59 -4.30
CA GLN A 218 27.17 15.29 -5.65
C GLN A 218 26.04 15.31 -6.66
N GLN A 219 24.88 14.74 -6.31
CA GLN A 219 23.81 14.66 -7.31
C GLN A 219 23.30 16.03 -7.75
N VAL A 220 23.28 17.02 -6.85
CA VAL A 220 22.84 18.35 -7.27
C VAL A 220 23.76 18.90 -8.34
N SER A 221 25.06 18.77 -8.15
CA SER A 221 26.02 19.03 -9.20
C SER A 221 25.92 17.90 -10.23
N SER A 222 26.73 17.98 -11.28
CA SER A 222 26.74 17.06 -12.42
C SER A 222 25.50 17.18 -13.28
N GLY A 223 24.53 18.01 -12.90
CA GLY A 223 23.47 18.45 -13.77
C GLY A 223 22.46 17.40 -14.22
N VAL A 224 22.55 16.16 -13.75
CA VAL A 224 21.57 15.15 -14.17
C VAL A 224 20.20 15.55 -13.66
N PRO A 225 19.15 15.52 -14.48
CA PRO A 225 17.85 16.07 -14.08
C PRO A 225 16.87 15.09 -13.47
N VAL A 226 17.16 13.79 -13.45
CA VAL A 226 16.22 12.83 -12.88
C VAL A 226 16.89 11.83 -11.94
N ASP A 227 18.03 12.18 -11.35
CA ASP A 227 18.66 11.25 -10.43
C ASP A 227 17.80 11.09 -9.17
N PHE A 228 18.14 10.10 -8.34
CA PHE A 228 17.18 9.63 -7.35
C PHE A 228 17.17 10.45 -6.06
N LEU A 229 18.13 11.33 -5.82
CA LEU A 229 18.16 12.14 -4.61
C LEU A 229 17.97 13.61 -4.95
N ILE A 230 17.03 13.87 -5.87
CA ILE A 230 16.78 15.21 -6.39
C ILE A 230 15.34 15.59 -6.07
N ASN A 231 15.13 16.84 -5.67
CA ASN A 231 13.81 17.42 -5.52
C ASN A 231 13.78 18.78 -6.20
N LYS A 232 12.73 19.04 -6.98
CA LYS A 232 12.65 20.27 -7.74
C LYS A 232 11.63 21.25 -7.19
N ALA A 233 10.84 20.85 -6.20
CA ALA A 233 10.00 21.82 -5.49
C ALA A 233 10.83 22.62 -4.49
N THR A 234 11.87 22.01 -3.93
CA THR A 234 12.80 22.72 -3.04
C THR A 234 13.98 23.27 -3.82
N GLY A 235 13.67 23.91 -4.94
CA GLY A 235 14.70 24.53 -5.77
C GLY A 235 15.42 23.49 -6.60
N GLY A 236 16.37 22.80 -5.98
CA GLY A 236 17.02 21.66 -6.61
C GLY A 236 17.46 20.61 -5.63
N LEU A 237 17.09 20.77 -4.36
CA LEU A 237 17.69 19.96 -3.32
C LEU A 237 16.66 19.51 -2.30
N PRO A 238 16.46 18.21 -2.13
CA PRO A 238 15.52 17.73 -1.10
C PRO A 238 16.00 18.12 0.28
N ASN A 239 15.04 18.44 1.16
CA ASN A 239 15.36 18.93 2.50
C ASN A 239 15.57 17.76 3.46
N ILE A 240 16.82 17.31 3.54
CA ILE A 240 17.15 16.21 4.44
C ILE A 240 17.10 16.71 5.88
N GLU A 241 16.51 15.88 6.75
CA GLU A 241 16.36 16.21 8.16
C GLU A 241 17.73 16.35 8.82
N GLN A 242 17.84 17.32 9.72
CA GLN A 242 19.12 17.60 10.38
C GLN A 242 19.50 16.49 11.36
N THR A 243 20.74 16.54 11.83
CA THR A 243 21.32 15.48 12.64
C THR A 243 21.98 16.09 13.88
N TYR A 244 21.18 16.31 14.92
CA TYR A 244 21.65 16.78 16.22
C TYR A 244 20.48 16.72 17.19
N GLN A 245 20.72 17.15 18.41
CA GLN A 245 19.71 17.03 19.46
C GLN A 245 18.53 17.94 19.15
N GLY A 246 17.34 17.33 19.03
CA GLY A 246 16.13 18.10 18.86
C GLY A 246 16.10 18.98 17.62
N ALA A 247 16.66 18.48 16.52
CA ALA A 247 16.60 19.21 15.28
C ALA A 247 15.15 19.35 14.82
N PRO A 248 14.81 20.44 14.11
CA PRO A 248 13.44 20.59 13.62
C PRO A 248 13.07 19.47 12.67
N ILE A 249 11.89 18.92 12.87
CA ILE A 249 11.50 17.69 12.20
C ILE A 249 11.06 18.00 10.78
N VAL A 250 11.15 17.01 9.91
CA VAL A 250 10.59 17.11 8.57
C VAL A 250 9.37 16.20 8.54
N ASN A 251 8.23 16.78 8.22
CA ASN A 251 6.98 16.06 8.07
C ASN A 251 6.80 15.76 6.60
N LEU A 252 6.88 14.48 6.24
CA LEU A 252 6.75 14.10 4.84
C LEU A 252 5.33 14.31 4.32
N ASN A 253 4.33 14.34 5.19
CA ASN A 253 2.95 14.57 4.76
C ASN A 253 2.58 16.04 4.84
N ASP A 254 3.39 16.90 4.23
CA ASP A 254 3.17 18.34 4.30
C ASP A 254 1.90 18.72 3.56
N TYR A 255 1.27 19.81 4.02
CA TYR A 255 -0.07 20.14 3.55
C TYR A 255 -0.09 20.54 2.08
N GLU A 256 0.94 21.23 1.61
CA GLU A 256 1.03 21.64 0.22
C GLU A 256 1.96 20.78 -0.62
N GLY A 257 2.32 19.60 -0.15
CA GLY A 257 3.04 18.65 -0.98
C GLY A 257 4.35 19.18 -1.54
N ILE A 258 5.08 19.95 -0.74
CA ILE A 258 6.40 20.39 -1.14
C ILE A 258 7.35 19.21 -1.28
N ASN A 259 7.35 18.31 -0.30
CA ASN A 259 8.31 17.21 -0.26
C ASN A 259 7.71 15.97 -0.95
N SER A 260 8.18 15.74 -2.18
CA SER A 260 8.04 14.42 -2.77
C SER A 260 9.21 13.53 -2.38
N VAL A 261 10.43 14.02 -2.54
CA VAL A 261 11.63 13.31 -2.12
C VAL A 261 12.17 14.02 -0.88
N CYS A 262 12.54 13.23 0.12
CA CYS A 262 13.06 13.83 1.35
C CYS A 262 13.68 12.73 2.20
N GLY A 263 14.36 13.15 3.26
CA GLY A 263 14.84 12.24 4.28
C GLY A 263 14.31 12.67 5.63
N PHE A 264 13.86 11.70 6.41
CA PHE A 264 13.38 11.97 7.77
C PHE A 264 13.85 10.85 8.69
N LYS A 265 13.26 10.79 9.88
CA LYS A 265 13.86 10.03 10.96
C LYS A 265 12.88 9.17 11.76
N SER A 266 11.57 9.39 11.60
CA SER A 266 10.58 8.44 12.09
C SER A 266 9.27 8.66 11.34
N TYR A 267 8.38 7.69 11.45
CA TYR A 267 7.13 7.65 10.69
C TYR A 267 5.95 8.04 11.57
N TYR A 268 4.76 7.97 10.98
CA TYR A 268 3.50 8.31 11.64
C TYR A 268 2.63 7.05 11.73
N VAL A 269 2.24 6.69 12.95
CA VAL A 269 1.49 5.48 13.23
C VAL A 269 0.20 5.82 13.97
N GLY A 270 -0.79 4.96 13.84
CA GLY A 270 -2.10 5.22 14.41
C GLY A 270 -2.26 4.79 15.86
N VAL A 271 -1.38 5.26 16.74
CA VAL A 271 -1.50 4.98 18.16
C VAL A 271 -1.98 6.26 18.84
N ASN A 272 -2.35 6.12 20.11
CA ASN A 272 -2.54 7.27 20.99
C ASN A 272 -2.06 6.92 22.39
N GLN A 273 -1.01 7.59 22.85
CA GLN A 273 -0.55 7.45 24.22
C GLN A 273 -1.67 7.77 25.18
N LEU A 274 -1.97 6.84 26.08
CA LEU A 274 -2.95 7.08 27.13
C LEU A 274 -2.28 7.70 28.34
N SER A 275 -3.12 8.29 29.20
CA SER A 275 -2.62 8.90 30.44
C SER A 275 -1.90 7.90 31.30
N ASP A 276 -2.29 6.62 31.23
CA ASP A 276 -1.75 5.63 32.14
C ASP A 276 -0.31 5.29 31.79
N GLY A 277 -0.01 5.12 30.50
CA GLY A 277 1.31 4.70 30.09
C GLY A 277 1.31 3.59 29.07
N SER A 278 0.14 3.32 28.49
CA SER A 278 -0.02 2.25 27.51
C SER A 278 -0.60 2.78 26.21
N TYR A 279 -0.07 2.29 25.11
CA TYR A 279 -0.43 2.76 23.79
C TYR A 279 -1.51 1.85 23.22
N ILE A 280 -2.37 2.42 22.36
CA ILE A 280 -3.48 1.64 21.81
C ILE A 280 -3.60 1.88 20.31
N ARG A 281 -4.21 0.92 19.64
CA ARG A 281 -4.60 1.06 18.26
C ARG A 281 -5.67 2.13 18.10
N LYS A 282 -5.56 2.91 17.03
CA LYS A 282 -6.47 4.00 16.73
C LYS A 282 -6.83 3.84 15.27
N TYR A 283 -8.05 3.44 14.97
CA TYR A 283 -8.40 3.06 13.62
C TYR A 283 -9.83 3.49 13.31
N ALA A 284 -10.25 3.21 12.07
CA ALA A 284 -11.49 3.77 11.53
C ALA A 284 -12.69 3.39 12.38
N GLY A 285 -12.80 2.12 12.75
CA GLY A 285 -13.84 1.73 13.69
C GLY A 285 -13.69 2.40 15.03
N ASN A 286 -12.45 2.53 15.52
CA ASN A 286 -12.23 3.15 16.82
C ASN A 286 -12.70 4.61 16.84
N THR A 287 -12.38 5.38 15.79
CA THR A 287 -12.73 6.79 15.76
C THR A 287 -14.20 6.98 15.44
N TYR A 288 -14.63 6.54 14.25
CA TYR A 288 -15.92 6.94 13.73
C TYR A 288 -17.07 6.21 14.42
N LEU A 289 -16.90 4.92 14.71
CA LEU A 289 -17.98 4.11 15.24
C LEU A 289 -17.52 3.48 16.56
N ASN A 290 -17.69 4.21 17.64
CA ASN A 290 -17.51 3.62 18.96
C ASN A 290 -18.74 3.89 19.82
N SER A 291 -18.63 3.54 21.11
CA SER A 291 -19.81 3.47 21.97
C SER A 291 -20.53 4.81 22.07
N TYR A 292 -19.83 5.89 21.74
CA TYR A 292 -20.40 7.22 21.94
C TYR A 292 -21.52 7.46 20.93
N TYR A 293 -21.38 6.93 19.72
CA TYR A 293 -22.36 7.24 18.69
C TYR A 293 -23.30 6.07 18.39
N VAL A 294 -22.82 4.83 18.49
CA VAL A 294 -23.59 3.67 18.07
C VAL A 294 -23.90 2.82 19.30
N ASP A 295 -25.16 2.43 19.43
CA ASP A 295 -25.57 1.57 20.53
C ASP A 295 -24.83 0.24 20.47
N SER A 296 -24.81 -0.44 21.61
CA SER A 296 -24.14 -1.73 21.69
C SER A 296 -24.90 -2.82 20.95
N ASN A 297 -26.15 -2.55 20.56
CA ASN A 297 -26.90 -3.45 19.70
C ASN A 297 -26.84 -3.07 18.23
N GLY A 298 -26.20 -1.96 17.91
CA GLY A 298 -26.16 -1.49 16.53
C GLY A 298 -27.16 -0.43 16.18
N PHE A 299 -27.43 0.50 17.07
CA PHE A 299 -28.35 1.59 16.82
C PHE A 299 -27.68 2.93 17.11
N GLY A 300 -28.08 3.95 16.38
CA GLY A 300 -27.52 5.27 16.55
C GLY A 300 -27.92 5.89 17.86
N ILE A 301 -27.15 6.89 18.28
CA ILE A 301 -27.37 7.58 19.54
C ILE A 301 -27.71 9.02 19.26
N GLY A 302 -28.93 9.43 19.63
CA GLY A 302 -29.31 10.82 19.58
C GLY A 302 -29.15 11.47 18.22
N LYS A 303 -28.12 12.30 18.12
CA LYS A 303 -27.84 13.01 16.87
C LYS A 303 -27.69 12.04 15.71
N PHE A 304 -27.21 10.83 15.97
CA PHE A 304 -27.04 9.84 14.92
C PHE A 304 -28.15 8.81 14.92
N SER A 305 -29.34 9.15 15.43
CA SER A 305 -30.38 8.16 15.65
C SER A 305 -30.77 7.42 14.38
N ASN A 306 -30.57 8.00 13.21
CA ASN A 306 -30.91 7.34 11.96
C ASN A 306 -29.73 6.54 11.42
N LEU A 307 -29.13 5.70 12.27
CA LEU A 307 -27.91 4.99 11.89
C LEU A 307 -27.96 3.60 12.48
N ARG A 308 -28.01 2.59 11.62
CA ARG A 308 -28.20 1.21 11.99
C ARG A 308 -27.01 0.40 11.51
N VAL A 309 -26.47 -0.46 12.39
CA VAL A 309 -25.31 -1.28 12.08
C VAL A 309 -25.69 -2.74 12.30
N ILE A 310 -25.83 -3.48 11.21
CA ILE A 310 -26.00 -4.93 11.28
C ILE A 310 -24.62 -5.55 11.24
N SER A 311 -24.12 -5.95 12.41
CA SER A 311 -22.70 -6.25 12.56
C SER A 311 -22.27 -7.45 11.72
N ASP A 312 -23.04 -8.51 11.74
CA ASP A 312 -22.58 -9.77 11.16
C ASP A 312 -23.51 -10.14 10.00
N ALA A 313 -23.20 -9.61 8.81
CA ALA A 313 -24.10 -9.75 7.67
C ALA A 313 -23.27 -9.73 6.40
N VAL A 314 -23.29 -10.83 5.68
CA VAL A 314 -22.58 -10.95 4.41
C VAL A 314 -23.56 -10.73 3.28
N VAL A 315 -23.26 -9.78 2.41
CA VAL A 315 -24.14 -9.46 1.29
C VAL A 315 -23.85 -10.42 0.16
N ASP A 316 -24.90 -11.02 -0.39
CA ASP A 316 -24.76 -11.90 -1.54
C ASP A 316 -24.78 -11.13 -2.85
N ARG A 317 -25.87 -10.43 -3.12
CA ARG A 317 -26.01 -9.65 -4.34
C ARG A 317 -27.00 -8.53 -4.04
N ILE A 318 -27.28 -7.71 -5.06
CA ILE A 318 -28.26 -6.65 -4.96
C ILE A 318 -29.37 -6.97 -5.94
N HIS A 319 -30.52 -7.41 -5.43
CA HIS A 319 -31.66 -7.70 -6.29
C HIS A 319 -32.08 -6.44 -7.01
N PHE A 320 -32.53 -6.61 -8.25
CA PHE A 320 -32.38 -5.56 -9.24
C PHE A 320 -33.60 -5.53 -10.15
N GLU A 321 -34.13 -4.34 -10.41
CA GLU A 321 -35.37 -4.18 -11.13
C GLU A 321 -35.24 -3.06 -12.16
N GLY A 322 -35.75 -3.30 -13.36
CA GLY A 322 -35.52 -2.37 -14.46
C GLY A 322 -34.05 -2.12 -14.64
N GLN A 323 -33.61 -0.89 -14.37
CA GLN A 323 -32.19 -0.61 -14.15
C GLN A 323 -32.02 0.17 -12.88
N ARG A 324 -33.01 0.12 -12.01
CA ARG A 324 -32.94 0.69 -10.68
C ARG A 324 -32.86 -0.45 -9.68
N ALA A 325 -31.68 -0.67 -9.12
CA ALA A 325 -31.52 -1.69 -8.09
C ALA A 325 -32.46 -1.38 -6.94
N VAL A 326 -33.17 -2.40 -6.45
CA VAL A 326 -34.26 -2.17 -5.53
C VAL A 326 -34.03 -2.81 -4.17
N SER A 327 -33.26 -3.90 -4.13
CA SER A 327 -33.15 -4.63 -2.88
C SER A 327 -31.81 -5.34 -2.78
N VAL A 328 -31.43 -5.67 -1.55
CA VAL A 328 -30.13 -6.22 -1.19
C VAL A 328 -30.37 -7.36 -0.21
N THR A 329 -29.62 -8.44 -0.36
CA THR A 329 -29.77 -9.60 0.51
C THR A 329 -28.50 -9.83 1.32
N TYR A 330 -28.69 -10.29 2.56
CA TYR A 330 -27.59 -10.59 3.46
C TYR A 330 -27.93 -11.84 4.25
N ILE A 331 -26.94 -12.43 4.90
CA ILE A 331 -27.10 -13.66 5.66
C ILE A 331 -26.61 -13.44 7.08
N ASP A 332 -27.52 -13.59 8.03
CA ASP A 332 -27.18 -13.40 9.43
C ASP A 332 -26.38 -14.61 9.94
N LYS A 333 -25.79 -14.48 11.12
CA LYS A 333 -25.10 -15.59 11.75
C LYS A 333 -26.04 -16.77 12.01
N LYS A 334 -27.29 -16.49 12.36
CA LYS A 334 -28.26 -17.52 12.65
C LYS A 334 -28.82 -18.18 11.41
N GLY A 335 -28.31 -17.82 10.22
CA GLY A 335 -28.58 -18.54 8.99
C GLY A 335 -29.72 -18.00 8.14
N ASN A 336 -30.39 -16.95 8.57
CA ASN A 336 -31.59 -16.49 7.89
C ASN A 336 -31.29 -15.36 6.92
N LEU A 337 -31.81 -15.51 5.70
CA LEU A 337 -31.85 -14.42 4.73
C LEU A 337 -32.75 -13.31 5.24
N HIS A 338 -32.41 -12.09 4.88
CA HIS A 338 -33.32 -10.97 5.02
C HIS A 338 -33.22 -10.12 3.76
N SER A 339 -33.92 -9.00 3.76
CA SER A 339 -33.89 -8.13 2.59
C SER A 339 -34.10 -6.70 3.04
N VAL A 340 -33.13 -5.85 2.74
CA VAL A 340 -33.25 -4.41 2.97
C VAL A 340 -33.67 -3.77 1.67
N LYS A 341 -34.83 -3.12 1.68
CA LYS A 341 -35.32 -2.42 0.50
C LYS A 341 -34.52 -1.14 0.30
N VAL A 342 -34.28 -0.78 -0.95
CA VAL A 342 -33.43 0.35 -1.31
C VAL A 342 -34.31 1.40 -1.96
N HIS A 343 -34.29 2.62 -1.41
CA HIS A 343 -35.12 3.71 -1.89
C HIS A 343 -34.37 4.72 -2.75
N LYS A 344 -33.11 5.00 -2.43
CA LYS A 344 -32.38 6.05 -3.14
C LYS A 344 -31.08 5.56 -3.77
N GLU A 345 -30.28 4.79 -3.05
CA GLU A 345 -28.93 4.48 -3.50
C GLU A 345 -28.44 3.24 -2.75
N VAL A 346 -27.34 2.66 -3.24
CA VAL A 346 -26.59 1.65 -2.49
C VAL A 346 -25.12 2.04 -2.58
N GLU A 347 -24.35 1.66 -1.56
CA GLU A 347 -22.96 2.06 -1.48
C GLU A 347 -22.09 0.82 -1.39
N ILE A 348 -20.99 0.79 -2.14
CA ILE A 348 -20.07 -0.34 -2.10
C ILE A 348 -18.73 0.14 -1.55
N CYS A 349 -18.34 -0.38 -0.41
CA CYS A 349 -17.08 -0.01 0.21
C CYS A 349 -16.41 -1.27 0.76
N SER A 350 -16.47 -2.35 -0.02
CA SER A 350 -16.11 -3.70 0.41
C SER A 350 -14.75 -4.14 -0.14
N GLY A 351 -13.79 -3.24 -0.18
CA GLY A 351 -12.43 -3.59 -0.53
C GLY A 351 -12.21 -3.79 -2.00
N SER A 352 -10.94 -3.87 -2.37
CA SER A 352 -10.56 -4.03 -3.77
C SER A 352 -11.01 -5.37 -4.31
N PHE A 353 -10.76 -6.44 -3.56
CA PHE A 353 -11.01 -7.79 -4.05
C PHE A 353 -12.50 -8.07 -4.24
N PHE A 354 -13.30 -7.80 -3.23
CA PHE A 354 -14.66 -8.32 -3.21
C PHE A 354 -15.66 -7.43 -3.94
N THR A 355 -15.33 -6.15 -4.16
CA THR A 355 -16.25 -5.22 -4.80
C THR A 355 -16.65 -5.65 -6.21
N PRO A 356 -15.68 -5.95 -7.09
CA PRO A 356 -16.08 -6.44 -8.42
C PRO A 356 -16.89 -7.71 -8.36
N THR A 357 -16.58 -8.61 -7.42
CA THR A 357 -17.37 -9.82 -7.24
C THR A 357 -18.81 -9.49 -6.91
N ILE A 358 -19.00 -8.53 -6.01
CA ILE A 358 -20.35 -8.06 -5.73
C ILE A 358 -21.01 -7.60 -7.01
N LEU A 359 -20.26 -6.89 -7.86
CA LEU A 359 -20.87 -6.39 -9.08
C LEU A 359 -21.27 -7.51 -10.03
N GLN A 360 -20.40 -8.52 -10.23
CA GLN A 360 -20.77 -9.60 -11.15
C GLN A 360 -21.96 -10.39 -10.60
N ARG A 361 -21.95 -10.69 -9.30
CA ARG A 361 -23.08 -11.42 -8.74
C ARG A 361 -24.36 -10.59 -8.81
N SER A 362 -24.23 -9.27 -8.73
CA SER A 362 -25.39 -8.40 -8.86
C SER A 362 -26.02 -8.52 -10.25
N GLY A 363 -25.19 -8.58 -11.29
CA GLY A 363 -25.71 -8.74 -12.63
C GLY A 363 -25.00 -7.91 -13.69
N ILE A 364 -24.23 -6.92 -13.27
CA ILE A 364 -23.54 -6.01 -14.19
C ILE A 364 -22.12 -6.50 -14.41
N GLY A 365 -21.80 -6.85 -15.65
CA GLY A 365 -20.48 -7.33 -16.00
C GLY A 365 -20.46 -7.99 -17.36
N ASP A 366 -19.33 -8.59 -17.73
CA ASP A 366 -19.19 -9.24 -19.03
C ASP A 366 -20.25 -10.32 -19.20
N PHE A 367 -21.09 -10.18 -20.23
CA PHE A 367 -22.17 -11.14 -20.42
C PHE A 367 -21.67 -12.52 -20.83
N SER A 368 -20.74 -12.60 -21.78
CA SER A 368 -20.38 -13.91 -22.29
C SER A 368 -19.77 -14.77 -21.19
N TYR A 369 -18.87 -14.20 -20.39
CA TYR A 369 -18.24 -14.96 -19.31
C TYR A 369 -19.24 -15.34 -18.24
N LEU A 370 -20.02 -14.37 -17.75
CA LEU A 370 -20.96 -14.65 -16.67
C LEU A 370 -22.02 -15.64 -17.10
N SER A 371 -22.47 -15.56 -18.35
CA SER A 371 -23.40 -16.55 -18.88
C SER A 371 -22.74 -17.92 -18.99
N SER A 372 -21.47 -17.95 -19.37
CA SER A 372 -20.76 -19.23 -19.45
C SER A 372 -20.69 -19.90 -18.08
N ILE A 373 -20.45 -19.13 -17.02
CA ILE A 373 -20.47 -19.77 -15.71
C ILE A 373 -21.89 -19.93 -15.18
N GLY A 374 -22.82 -19.09 -15.62
CA GLY A 374 -24.23 -19.32 -15.31
C GLY A 374 -24.86 -18.48 -14.22
N VAL A 375 -24.51 -17.20 -14.13
CA VAL A 375 -25.29 -16.31 -13.27
C VAL A 375 -26.68 -16.15 -13.89
N PRO A 376 -27.76 -16.18 -13.11
CA PRO A 376 -29.09 -16.25 -13.73
C PRO A 376 -29.53 -14.94 -14.35
N ASP A 377 -29.11 -13.80 -13.80
CA ASP A 377 -29.60 -12.51 -14.26
C ASP A 377 -28.47 -11.73 -14.92
N LEU A 378 -28.79 -11.12 -16.06
CA LEU A 378 -27.87 -10.19 -16.71
C LEU A 378 -28.49 -8.80 -16.73
N VAL A 379 -27.66 -7.81 -16.44
CA VAL A 379 -28.14 -6.42 -16.36
C VAL A 379 -27.41 -5.55 -17.36
N TYR A 380 -26.09 -5.44 -17.22
CA TYR A 380 -25.33 -4.55 -18.08
C TYR A 380 -24.04 -5.24 -18.51
N ASN A 381 -23.63 -4.97 -19.74
CA ASN A 381 -22.45 -5.61 -20.33
C ASN A 381 -21.30 -4.63 -20.27
N ASN A 382 -20.52 -4.70 -19.19
CA ASN A 382 -19.40 -3.78 -18.98
C ASN A 382 -18.13 -4.60 -18.83
N PRO A 383 -17.46 -4.95 -19.93
CA PRO A 383 -16.32 -5.87 -19.86
C PRO A 383 -15.08 -5.30 -19.20
N LEU A 384 -15.18 -4.17 -18.51
CA LEU A 384 -14.07 -3.64 -17.74
C LEU A 384 -14.24 -3.86 -16.24
N VAL A 385 -15.29 -4.55 -15.81
CA VAL A 385 -15.55 -4.72 -14.38
C VAL A 385 -14.39 -5.47 -13.73
N GLY A 386 -13.86 -4.92 -12.65
CA GLY A 386 -12.83 -5.60 -11.89
C GLY A 386 -11.53 -5.80 -12.62
N GLN A 387 -11.23 -5.01 -13.63
CA GLN A 387 -9.97 -5.10 -14.34
C GLN A 387 -8.91 -4.24 -13.68
N GLY A 388 -7.67 -4.44 -14.12
CA GLY A 388 -6.60 -3.53 -13.79
C GLY A 388 -6.24 -3.38 -12.33
N LEU A 389 -6.14 -4.50 -11.60
CA LEU A 389 -5.65 -4.42 -10.23
C LEU A 389 -4.19 -3.99 -10.21
N ARG A 390 -3.78 -3.37 -9.11
CA ARG A 390 -2.40 -3.00 -8.89
C ARG A 390 -2.03 -3.26 -7.43
N ASN A 391 -0.73 -3.18 -7.14
CA ASN A 391 -0.25 -3.28 -5.78
C ASN A 391 1.22 -2.88 -5.75
N HIS A 392 1.70 -2.57 -4.55
CA HIS A 392 3.10 -2.25 -4.30
C HIS A 392 3.86 -3.55 -4.01
N TYR A 393 5.19 -3.47 -4.07
CA TYR A 393 6.03 -4.65 -3.87
C TYR A 393 7.23 -4.22 -3.05
N SER A 394 7.89 -5.17 -2.38
CA SER A 394 9.00 -4.86 -1.49
C SER A 394 9.99 -6.01 -1.45
N PRO A 395 11.10 -5.90 -2.16
CA PRO A 395 12.22 -6.83 -1.94
C PRO A 395 12.86 -6.60 -0.59
N ILE A 396 13.93 -7.34 -0.32
CA ILE A 396 14.55 -7.36 1.00
C ILE A 396 16.05 -7.42 0.82
N THR A 397 16.78 -6.80 1.76
CA THR A 397 18.24 -6.72 1.72
C THR A 397 18.78 -6.71 3.14
N GLN A 398 19.90 -7.41 3.36
CA GLN A 398 20.51 -7.47 4.67
C GLN A 398 21.88 -6.80 4.66
N VAL A 399 22.36 -6.50 5.86
CA VAL A 399 23.71 -5.96 6.09
C VAL A 399 24.30 -6.66 7.30
N SER A 400 25.63 -6.81 7.29
CA SER A 400 26.35 -7.33 8.43
C SER A 400 27.18 -6.22 9.05
N VAL A 401 27.48 -6.35 10.35
CA VAL A 401 28.33 -5.40 11.06
C VAL A 401 29.44 -6.17 11.76
N THR A 402 30.67 -5.66 11.67
CA THR A 402 31.84 -6.31 12.23
C THR A 402 32.77 -5.26 12.82
N GLY A 403 32.78 -5.15 14.14
CA GLY A 403 33.58 -4.18 14.83
C GLY A 403 33.50 -4.32 16.33
N PRO A 404 34.39 -3.65 17.06
CA PRO A 404 34.42 -3.80 18.53
C PRO A 404 33.16 -3.35 19.24
N ASP A 405 32.44 -2.35 18.73
CA ASP A 405 31.34 -1.73 19.48
C ASP A 405 30.08 -1.66 18.63
N ALA A 406 29.92 -2.58 17.68
CA ALA A 406 28.73 -2.63 16.86
C ALA A 406 27.47 -2.84 17.68
N ALA A 407 27.53 -3.70 18.70
CA ALA A 407 26.38 -3.86 19.58
C ALA A 407 25.94 -2.52 20.14
N ALA A 408 26.90 -1.65 20.44
CA ALA A 408 26.57 -0.31 20.89
C ALA A 408 26.08 0.56 19.75
N PHE A 409 26.31 0.13 18.51
CA PHE A 409 25.92 0.93 17.35
C PHE A 409 24.47 0.69 16.96
N LEU A 410 23.84 -0.34 17.51
CA LEU A 410 22.50 -0.74 17.09
C LEU A 410 21.52 -0.83 18.25
N SER A 411 21.81 -0.21 19.38
CA SER A 411 20.87 -0.22 20.50
C SER A 411 19.68 0.66 20.17
N ASN A 412 18.55 0.35 20.81
CA ASN A 412 17.28 1.03 20.56
C ASN A 412 16.85 0.85 19.10
N THR A 413 16.70 -0.42 18.71
CA THR A 413 16.18 -0.77 17.39
C THR A 413 15.11 -1.83 17.52
N ALA A 414 14.90 -2.33 18.73
CA ALA A 414 13.79 -3.22 18.98
C ALA A 414 12.48 -2.51 18.68
N ALA A 415 11.52 -3.25 18.14
CA ALA A 415 10.22 -2.68 17.86
C ALA A 415 9.56 -2.22 19.15
N GLY A 416 8.73 -1.20 19.05
CA GLY A 416 8.09 -0.63 20.20
C GLY A 416 6.65 -0.26 19.92
N PRO A 417 5.98 0.31 20.92
CA PRO A 417 4.56 0.67 20.74
C PRO A 417 4.35 1.92 19.91
N THR A 418 5.41 2.68 19.64
CA THR A 418 5.32 3.90 18.85
C THR A 418 5.96 3.76 17.48
N ASN A 419 7.08 3.06 17.39
CA ASN A 419 7.75 2.81 16.12
C ASN A 419 7.23 1.60 15.38
N MET A 420 7.02 0.48 16.09
CA MET A 420 6.66 -0.79 15.48
C MET A 420 7.64 -1.19 14.37
N SER A 421 8.88 -1.45 14.78
CA SER A 421 9.93 -1.97 13.90
C SER A 421 10.23 -1.07 12.72
N PHE A 422 10.08 0.24 12.87
CA PHE A 422 10.48 1.20 11.85
C PHE A 422 11.54 2.13 12.45
N ARG A 423 12.56 2.45 11.66
CA ARG A 423 13.58 3.42 12.06
C ARG A 423 13.85 4.42 10.94
N GLY A 424 12.78 4.87 10.27
CA GLY A 424 12.91 5.82 9.17
C GLY A 424 12.65 5.17 7.84
N ALA A 425 13.47 5.46 6.82
CA ALA A 425 14.52 6.47 6.91
C ALA A 425 14.69 7.29 5.63
N GLY A 426 13.71 7.29 4.75
CA GLY A 426 13.83 8.10 3.56
C GLY A 426 12.70 7.84 2.58
N MET A 427 12.80 8.50 1.43
CA MET A 427 11.88 8.29 0.31
C MET A 427 12.52 8.87 -0.94
N LEU A 428 12.71 8.04 -1.96
CA LEU A 428 13.55 8.41 -3.09
C LEU A 428 12.73 8.47 -4.37
N GLY A 429 13.38 8.93 -5.44
CA GLY A 429 12.80 9.01 -6.76
C GLY A 429 13.50 8.11 -7.76
N TYR A 430 13.19 8.25 -9.05
CA TYR A 430 13.75 7.39 -10.08
C TYR A 430 15.27 7.42 -10.05
N HIS A 431 15.87 6.25 -10.22
CA HIS A 431 17.30 6.26 -10.51
C HIS A 431 17.54 6.89 -11.88
N LYS A 432 18.75 7.40 -12.07
CA LYS A 432 19.09 8.08 -13.31
C LYS A 432 18.90 7.18 -14.52
N LEU A 433 19.37 5.93 -14.43
CA LEU A 433 19.41 5.04 -15.58
C LEU A 433 18.12 4.24 -15.74
N GLU A 434 17.01 4.76 -15.26
CA GLU A 434 15.74 4.09 -15.44
C GLU A 434 15.18 4.42 -16.82
N PRO A 435 14.86 3.43 -17.66
CA PRO A 435 14.35 3.72 -19.00
C PRO A 435 12.85 3.97 -19.09
N ASN A 436 12.04 3.48 -18.15
CA ASN A 436 10.59 3.62 -18.21
C ASN A 436 10.16 4.77 -17.31
N LYS A 437 10.44 5.98 -17.75
CA LYS A 437 10.03 7.13 -16.96
C LYS A 437 9.00 7.93 -17.74
N PRO A 438 8.08 8.59 -17.04
CA PRO A 438 7.10 9.43 -17.72
C PRO A 438 7.78 10.65 -18.34
N SER A 439 7.10 11.24 -19.32
CA SER A 439 7.68 12.36 -20.05
C SER A 439 7.88 13.59 -19.16
N ASN A 440 7.24 13.62 -18.00
CA ASN A 440 7.43 14.73 -17.07
C ASN A 440 8.52 14.46 -16.05
N ALA A 441 9.36 13.45 -16.27
CA ALA A 441 10.42 13.17 -15.32
C ALA A 441 11.37 14.33 -15.17
N GLY A 442 11.69 15.00 -16.28
CA GLY A 442 12.68 16.06 -16.24
C GLY A 442 12.27 17.29 -15.46
N SER A 443 10.99 17.65 -15.51
CA SER A 443 10.51 18.88 -14.90
C SER A 443 9.80 18.69 -13.58
N VAL A 444 9.51 17.46 -13.17
CA VAL A 444 8.83 17.16 -11.92
C VAL A 444 9.49 15.92 -11.32
N THR A 445 9.63 15.90 -10.00
CA THR A 445 10.21 14.75 -9.33
C THR A 445 9.13 13.78 -8.86
N TYR A 446 9.38 12.49 -9.01
CA TYR A 446 8.42 11.44 -8.76
C TYR A 446 8.82 10.58 -7.57
N ARG A 447 7.81 10.12 -6.84
CA ARG A 447 7.98 9.20 -5.73
C ARG A 447 7.97 7.78 -6.26
N LYS A 448 9.14 7.12 -6.24
CA LYS A 448 9.25 5.78 -6.79
C LYS A 448 9.67 4.74 -5.75
N TYR A 449 10.65 5.03 -4.90
CA TYR A 449 11.14 4.05 -3.94
C TYR A 449 10.88 4.53 -2.52
N GLU A 450 10.32 3.64 -1.71
CA GLU A 450 10.00 3.93 -0.31
C GLU A 450 11.01 3.20 0.56
N LEU A 451 12.10 3.88 0.90
CA LEU A 451 13.13 3.29 1.75
C LEU A 451 12.58 2.98 3.14
N LEU A 452 13.01 1.86 3.70
CA LEU A 452 12.75 1.52 5.10
C LEU A 452 14.01 0.92 5.71
N VAL A 453 13.96 0.71 7.02
CA VAL A 453 15.08 0.14 7.76
C VAL A 453 14.54 -0.47 9.05
N THR A 454 15.19 -1.55 9.50
CA THR A 454 14.77 -2.25 10.71
C THR A 454 15.95 -3.04 11.24
N GLY A 455 15.98 -3.25 12.55
CA GLY A 455 16.90 -4.19 13.13
C GLY A 455 16.44 -5.62 12.95
N GLY A 456 17.36 -6.55 13.19
CA GLY A 456 17.04 -7.96 13.08
C GLY A 456 17.02 -8.45 11.65
N VAL A 457 16.60 -9.71 11.51
CA VAL A 457 16.58 -10.37 10.20
C VAL A 457 15.15 -10.44 9.68
N ALA A 458 15.00 -10.16 8.39
CA ALA A 458 13.68 -10.15 7.75
C ALA A 458 13.48 -11.29 6.77
N ILE A 459 14.53 -11.99 6.38
CA ILE A 459 14.42 -13.01 5.35
C ILE A 459 13.81 -14.29 5.93
N SER A 460 13.06 -14.99 5.10
CA SER A 460 12.38 -16.21 5.55
C SER A 460 13.39 -17.29 5.93
N ALA A 461 12.97 -18.18 6.82
CA ALA A 461 13.89 -19.14 7.42
C ALA A 461 14.58 -20.00 6.38
N ASP A 462 13.94 -20.26 5.24
CA ASP A 462 14.59 -21.02 4.19
C ASP A 462 15.73 -20.24 3.56
N GLN A 463 15.48 -18.98 3.19
CA GLN A 463 16.56 -18.12 2.73
C GLN A 463 17.64 -18.00 3.80
N GLN A 464 17.22 -18.00 5.07
CA GLN A 464 18.18 -17.95 6.17
C GLN A 464 19.09 -19.17 6.14
N TYR A 465 18.51 -20.34 5.92
CA TYR A 465 19.32 -21.55 5.78
C TYR A 465 20.26 -21.47 4.59
N LEU A 466 19.76 -20.97 3.46
CA LEU A 466 20.57 -20.95 2.25
C LEU A 466 21.76 -20.01 2.39
N SER A 467 21.52 -18.77 2.81
CA SER A 467 22.62 -17.84 3.01
C SER A 467 23.41 -18.14 4.28
N GLY A 468 22.83 -18.88 5.22
CA GLY A 468 23.49 -19.17 6.46
C GLY A 468 23.50 -18.04 7.46
N ILE A 469 22.97 -16.88 7.10
CA ILE A 469 22.94 -15.72 8.00
C ILE A 469 21.69 -15.82 8.84
N SER A 470 21.87 -15.92 10.14
CA SER A 470 20.77 -16.03 11.09
C SER A 470 20.83 -14.87 12.06
N SER A 471 19.69 -14.60 12.72
CA SER A 471 19.71 -13.64 13.81
C SER A 471 20.41 -14.19 15.04
N SER A 472 20.79 -15.47 15.03
CA SER A 472 21.58 -16.02 16.12
C SER A 472 22.89 -15.27 16.29
N THR A 473 23.55 -14.94 15.17
CA THR A 473 24.71 -14.07 15.22
C THR A 473 24.30 -12.61 15.01
N GLY A 474 24.45 -11.82 16.06
CA GLY A 474 23.84 -10.50 16.09
C GLY A 474 24.60 -9.43 15.35
N ASN A 475 24.52 -9.43 14.02
CA ASN A 475 25.18 -8.40 13.22
C ASN A 475 24.32 -7.95 12.06
N TYR A 476 23.02 -7.72 12.26
CA TYR A 476 22.19 -7.56 11.08
C TYR A 476 21.14 -6.47 11.22
N PHE A 477 20.86 -5.81 10.10
CA PHE A 477 19.71 -4.93 9.92
C PHE A 477 19.35 -4.92 8.44
N ALA A 478 18.11 -4.54 8.15
CA ALA A 478 17.56 -4.69 6.81
C ALA A 478 17.20 -3.35 6.18
N LEU A 479 17.46 -3.21 4.89
CA LEU A 479 17.02 -2.06 4.13
C LEU A 479 16.09 -2.52 3.02
N ILE A 480 14.97 -1.83 2.87
CA ILE A 480 13.91 -2.23 1.95
C ILE A 480 13.63 -1.07 1.01
N ALA A 481 13.46 -1.38 -0.27
CA ALA A 481 13.09 -0.37 -1.25
C ALA A 481 11.71 -0.74 -1.78
N ASP A 482 10.68 -0.30 -1.07
CA ASP A 482 9.30 -0.58 -1.44
C ASP A 482 8.98 0.18 -2.73
N ASP A 483 8.91 -0.55 -3.83
CA ASP A 483 8.49 0.06 -5.09
C ASP A 483 7.11 0.68 -4.93
N ILE A 484 6.91 1.82 -5.57
CA ILE A 484 5.69 2.60 -5.36
C ILE A 484 4.95 2.77 -6.68
N ARG A 485 5.69 2.70 -7.78
CA ARG A 485 5.10 2.80 -9.12
C ARG A 485 5.16 1.48 -9.86
N PHE A 486 4.89 0.38 -9.15
CA PHE A 486 5.04 -0.96 -9.71
C PHE A 486 4.09 -1.18 -10.87
N ALA A 487 4.60 -1.80 -11.92
CA ALA A 487 3.98 -1.96 -13.22
C ALA A 487 2.94 -3.09 -13.34
N PRO A 488 3.15 -4.28 -12.76
CA PRO A 488 2.26 -5.40 -13.04
C PRO A 488 0.80 -5.09 -12.76
N VAL A 489 -0.05 -5.58 -13.66
CA VAL A 489 -1.48 -5.35 -13.62
C VAL A 489 -2.21 -6.67 -13.78
N GLY A 490 -3.21 -6.91 -12.94
CA GLY A 490 -3.95 -8.16 -12.99
C GLY A 490 -5.44 -7.94 -12.96
N TYR A 491 -6.21 -9.01 -12.80
CA TYR A 491 -7.66 -8.90 -12.87
C TYR A 491 -8.30 -9.97 -12.00
N ILE A 492 -9.57 -9.76 -11.69
CA ILE A 492 -10.33 -10.58 -10.76
C ILE A 492 -11.59 -11.07 -11.44
N LYS A 493 -11.92 -12.35 -11.24
CA LYS A 493 -13.20 -12.89 -11.65
C LYS A 493 -13.79 -13.70 -10.50
N ILE A 494 -14.97 -14.25 -10.73
CA ILE A 494 -15.59 -15.17 -9.80
C ILE A 494 -15.73 -16.53 -10.46
N GLY A 495 -15.93 -17.56 -9.66
CA GLY A 495 -16.10 -18.90 -10.19
C GLY A 495 -17.39 -19.55 -9.74
N THR A 496 -18.06 -18.94 -8.77
CA THR A 496 -19.30 -19.50 -8.26
C THR A 496 -20.32 -18.39 -8.05
N PRO A 497 -21.41 -18.40 -8.77
CA PRO A 497 -22.46 -17.39 -8.61
C PRO A 497 -23.39 -17.66 -7.44
N ASN A 498 -22.82 -18.04 -6.29
CA ASN A 498 -23.63 -18.57 -5.20
C ASN A 498 -23.64 -17.66 -3.97
N PHE A 499 -22.50 -17.31 -3.42
CA PHE A 499 -22.48 -16.51 -2.19
C PHE A 499 -21.10 -15.87 -2.09
N PRO A 500 -20.88 -15.00 -1.09
CA PRO A 500 -19.54 -14.44 -0.91
C PRO A 500 -18.55 -15.50 -0.44
N ARG A 501 -17.63 -15.91 -1.30
CA ARG A 501 -16.62 -16.86 -0.90
C ARG A 501 -15.49 -16.17 -0.14
N ASP A 502 -14.38 -16.90 0.01
CA ASP A 502 -13.17 -16.34 0.60
C ASP A 502 -12.01 -16.33 -0.39
N THR A 503 -12.23 -16.74 -1.62
CA THR A 503 -11.16 -16.82 -2.59
C THR A 503 -11.71 -16.79 -4.02
N PRO A 504 -11.65 -15.67 -4.71
CA PRO A 504 -12.00 -15.65 -6.13
C PRO A 504 -10.77 -15.84 -7.02
N LYS A 505 -11.04 -15.99 -8.32
CA LYS A 505 -9.94 -16.05 -9.28
C LYS A 505 -9.17 -14.73 -9.28
N ILE A 506 -7.88 -14.80 -8.97
CA ILE A 506 -7.02 -13.62 -8.99
C ILE A 506 -5.75 -13.97 -9.76
N PHE A 507 -5.49 -13.25 -10.84
CA PHE A 507 -4.30 -13.45 -11.64
C PHE A 507 -3.40 -12.23 -11.52
N PHE A 508 -2.14 -12.45 -11.12
CA PHE A 508 -1.23 -11.34 -10.90
C PHE A 508 0.20 -11.83 -11.16
N ASN A 509 0.70 -11.60 -12.36
CA ASN A 509 2.01 -12.11 -12.79
C ASN A 509 3.03 -10.97 -12.75
N THR A 510 4.16 -11.20 -12.08
CA THR A 510 5.12 -10.12 -11.86
C THR A 510 6.36 -10.20 -12.75
N PHE A 511 7.22 -11.19 -12.53
CA PHE A 511 8.56 -11.18 -13.13
C PHE A 511 8.65 -12.12 -14.33
N VAL A 512 7.91 -11.78 -15.38
CA VAL A 512 7.93 -12.60 -16.59
C VAL A 512 9.15 -12.22 -17.41
N ASN A 513 9.97 -13.22 -17.75
CA ASN A 513 11.17 -13.02 -18.55
C ASN A 513 10.82 -13.00 -20.04
N TYR A 514 11.70 -12.37 -20.82
CA TYR A 514 11.45 -12.15 -22.22
C TYR A 514 11.87 -13.38 -23.03
N THR A 515 11.10 -13.67 -24.08
CA THR A 515 11.40 -14.80 -24.95
C THR A 515 11.79 -14.28 -26.32
N PRO A 516 13.06 -14.33 -26.69
CA PRO A 516 13.49 -13.73 -27.96
C PRO A 516 12.84 -14.42 -29.15
N THR A 517 12.62 -13.64 -30.21
CA THR A 517 12.00 -14.13 -31.43
C THR A 517 12.94 -13.85 -32.61
N THR A 518 12.45 -14.14 -33.81
CA THR A 518 13.24 -13.96 -35.01
C THR A 518 13.12 -12.56 -35.59
N ASP A 519 12.37 -11.67 -34.95
CA ASP A 519 12.26 -10.30 -35.40
C ASP A 519 13.59 -9.57 -35.18
N PRO A 520 13.92 -8.61 -36.04
CA PRO A 520 15.14 -7.83 -35.83
C PRO A 520 15.13 -7.10 -34.50
N ALA A 521 16.32 -6.98 -33.90
CA ALA A 521 16.43 -6.37 -32.58
C ALA A 521 15.90 -4.93 -32.59
N ASP A 522 15.97 -4.25 -33.73
CA ASP A 522 15.69 -2.82 -33.81
C ASP A 522 14.24 -2.47 -33.57
N GLN A 523 13.35 -3.46 -33.55
CA GLN A 523 11.96 -3.20 -33.24
C GLN A 523 11.42 -4.21 -32.24
N GLN A 524 12.30 -5.01 -31.63
CA GLN A 524 11.90 -5.83 -30.49
C GLN A 524 12.63 -5.47 -29.21
N TRP A 525 13.47 -4.44 -29.20
CA TRP A 525 13.89 -3.85 -27.93
C TRP A 525 12.73 -3.14 -27.22
N PRO A 526 11.88 -2.35 -27.91
CA PRO A 526 10.78 -1.72 -27.18
C PRO A 526 9.56 -2.61 -26.98
N VAL A 527 9.77 -3.90 -26.76
CA VAL A 527 8.75 -4.74 -26.13
C VAL A 527 9.46 -5.48 -25.02
N ALA A 528 10.76 -5.72 -25.23
CA ALA A 528 11.58 -6.26 -24.17
C ALA A 528 11.65 -5.29 -23.00
N GLN A 529 11.79 -4.00 -23.31
CA GLN A 529 11.85 -2.99 -22.25
C GLN A 529 10.61 -3.04 -21.37
N LYS A 530 9.44 -3.01 -21.99
CA LYS A 530 8.22 -2.91 -21.23
C LYS A 530 7.90 -4.24 -20.55
N THR A 531 8.39 -5.36 -21.09
CA THR A 531 8.24 -6.62 -20.39
C THR A 531 9.15 -6.71 -19.17
N LEU A 532 10.38 -6.23 -19.30
CA LEU A 532 11.38 -6.35 -18.26
C LEU A 532 11.33 -5.23 -17.24
N ALA A 533 10.44 -4.25 -17.43
CA ALA A 533 10.31 -3.10 -16.55
C ALA A 533 10.50 -3.43 -15.05
N PRO A 534 9.74 -4.36 -14.47
CA PRO A 534 9.92 -4.61 -13.03
C PRO A 534 11.32 -5.08 -12.66
N LEU A 535 11.93 -5.91 -13.50
CA LEU A 535 13.31 -6.33 -13.24
C LEU A 535 14.24 -5.13 -13.22
N ILE A 536 14.09 -4.23 -14.20
CA ILE A 536 14.96 -3.07 -14.26
C ILE A 536 14.78 -2.20 -13.03
N SER A 537 13.53 -1.99 -12.61
CA SER A 537 13.28 -1.16 -11.44
C SER A 537 13.87 -1.78 -10.18
N ALA A 538 13.65 -3.08 -9.98
CA ALA A 538 14.20 -3.73 -8.80
C ALA A 538 15.71 -3.67 -8.79
N LEU A 539 16.33 -3.90 -9.94
CA LEU A 539 17.78 -3.86 -10.02
C LEU A 539 18.33 -2.46 -9.75
N LEU A 540 17.65 -1.43 -10.26
CA LEU A 540 18.09 -0.07 -9.95
C LEU A 540 17.94 0.23 -8.47
N GLY A 541 16.89 -0.27 -7.83
CA GLY A 541 16.81 -0.14 -6.38
C GLY A 541 17.96 -0.84 -5.67
N TYR A 542 18.37 -2.00 -6.18
CA TYR A 542 19.54 -2.67 -5.64
C TYR A 542 20.76 -1.77 -5.74
N ASP A 543 20.94 -1.14 -6.90
CA ASP A 543 22.05 -0.20 -7.07
C ASP A 543 21.96 0.95 -6.08
N ALA A 544 20.76 1.48 -5.87
CA ALA A 544 20.58 2.60 -4.96
C ALA A 544 20.99 2.23 -3.55
N ILE A 545 20.51 1.10 -3.04
CA ILE A 545 20.90 0.69 -1.69
C ILE A 545 22.38 0.39 -1.64
N TYR A 546 22.93 -0.23 -2.68
CA TYR A 546 24.34 -0.57 -2.67
C TYR A 546 25.21 0.66 -2.54
N GLN A 547 24.88 1.72 -3.29
CA GLN A 547 25.76 2.87 -3.30
C GLN A 547 25.44 3.90 -2.22
N ILE A 548 24.84 3.46 -1.11
CA ILE A 548 24.74 4.29 0.09
C ILE A 548 25.63 3.70 1.18
N VAL A 549 25.87 2.39 1.12
CA VAL A 549 26.53 1.71 2.23
C VAL A 549 27.97 2.18 2.37
N GLN A 550 28.60 2.61 1.29
CA GLN A 550 29.98 3.08 1.41
C GLN A 550 30.06 4.46 2.06
N GLN A 551 29.13 5.36 1.72
CA GLN A 551 29.02 6.60 2.50
C GLN A 551 28.67 6.30 3.95
N MET A 552 27.90 5.24 4.19
CA MET A 552 27.67 4.81 5.57
C MET A 552 28.97 4.42 6.25
N LYS A 553 29.80 3.62 5.58
CA LYS A 553 31.09 3.25 6.13
C LYS A 553 31.88 4.49 6.48
N VAL A 554 31.92 5.45 5.56
CA VAL A 554 32.72 6.65 5.75
C VAL A 554 32.21 7.45 6.95
N VAL A 555 30.91 7.71 6.99
CA VAL A 555 30.39 8.60 8.04
C VAL A 555 30.42 7.89 9.39
N ALA A 556 30.32 6.57 9.42
CA ALA A 556 30.41 5.87 10.70
C ALA A 556 31.84 5.83 11.21
N VAL A 557 32.80 5.62 10.31
CA VAL A 557 34.20 5.65 10.73
C VAL A 557 34.57 7.05 11.19
N ASN A 558 34.06 8.07 10.51
CA ASN A 558 34.41 9.45 10.83
C ASN A 558 33.60 10.03 11.98
N ALA A 559 32.53 9.38 12.41
CA ALA A 559 31.82 9.81 13.60
C ALA A 559 32.29 9.07 14.85
N GLY A 560 33.54 8.58 14.84
CA GLY A 560 34.10 7.95 16.02
C GLY A 560 33.65 6.53 16.26
N PHE A 561 32.98 5.92 15.27
CA PHE A 561 32.53 4.54 15.37
C PHE A 561 33.44 3.67 14.51
N ASN A 562 34.03 2.65 15.12
CA ASN A 562 34.90 1.71 14.42
C ASN A 562 34.14 0.40 14.22
N VAL A 563 33.42 0.34 13.10
CA VAL A 563 32.72 -0.87 12.68
C VAL A 563 32.88 -1.02 11.17
N THR A 564 32.51 -2.19 10.67
CA THR A 564 32.61 -2.51 9.25
C THR A 564 31.26 -2.97 8.73
N LEU A 565 30.87 -2.42 7.58
CA LEU A 565 29.57 -2.69 6.97
C LEU A 565 29.76 -3.33 5.61
N GLN A 566 29.08 -4.45 5.39
CA GLN A 566 29.17 -5.17 4.12
C GLN A 566 27.91 -5.99 3.92
N MET A 567 27.26 -5.78 2.78
CA MET A 567 26.02 -6.49 2.51
C MET A 567 26.29 -7.98 2.36
N ALA A 568 25.41 -8.80 2.93
CA ALA A 568 25.52 -10.25 2.83
C ALA A 568 24.45 -10.87 1.95
N TYR A 569 23.23 -10.34 2.02
CA TYR A 569 22.11 -10.84 1.24
C TYR A 569 21.40 -9.66 0.59
N PRO A 570 21.56 -9.42 -0.72
CA PRO A 570 22.39 -10.21 -1.65
C PRO A 570 23.89 -9.98 -1.45
N PRO A 571 24.73 -10.97 -1.76
CA PRO A 571 26.17 -10.80 -1.55
C PRO A 571 26.76 -9.61 -2.31
N ASN A 572 27.70 -8.92 -1.66
CA ASN A 572 28.22 -7.66 -2.18
C ASN A 572 28.89 -7.85 -3.54
N ASP A 573 29.69 -8.91 -3.69
CA ASP A 573 30.46 -9.11 -4.90
C ASP A 573 29.59 -9.01 -6.16
N LEU A 574 28.41 -9.64 -6.14
CA LEU A 574 27.46 -9.43 -7.22
C LEU A 574 27.21 -7.95 -7.45
N LEU A 575 27.04 -7.18 -6.39
CA LEU A 575 26.63 -5.80 -6.52
C LEU A 575 27.76 -4.92 -7.04
N VAL A 576 29.00 -5.18 -6.61
CA VAL A 576 30.12 -4.40 -7.13
C VAL A 576 30.34 -4.73 -8.60
N GLU A 577 30.15 -5.99 -8.98
CA GLU A 577 30.20 -6.33 -10.40
C GLU A 577 29.11 -5.59 -11.15
N LEU A 578 27.91 -5.51 -10.57
CA LEU A 578 26.81 -4.78 -11.20
C LEU A 578 27.14 -3.30 -11.35
N HIS A 579 27.76 -2.70 -10.34
CA HIS A 579 28.12 -1.30 -10.41
C HIS A 579 29.13 -1.06 -11.52
N ASN A 580 30.13 -1.93 -11.60
CA ASN A 580 31.12 -1.83 -12.67
C ASN A 580 30.46 -1.95 -14.03
N GLY A 581 29.58 -2.94 -14.19
CA GLY A 581 28.89 -3.10 -15.46
C GLY A 581 28.02 -1.92 -15.80
N LEU A 582 27.32 -1.38 -14.80
CA LEU A 582 26.43 -0.25 -15.03
C LEU A 582 27.21 0.94 -15.55
N ASN A 583 28.27 1.32 -14.83
CA ASN A 583 28.98 2.52 -15.21
C ASN A 583 29.97 2.28 -16.36
N THR A 584 30.10 1.03 -16.82
CA THR A 584 30.85 0.81 -18.05
C THR A 584 29.95 0.57 -19.27
N TYR A 585 28.67 0.26 -19.06
CA TYR A 585 27.77 -0.01 -20.17
C TYR A 585 26.74 1.09 -20.39
N GLY A 586 26.56 2.00 -19.44
CA GLY A 586 25.65 3.09 -19.68
C GLY A 586 24.20 2.67 -19.57
N ILE A 587 23.34 3.46 -20.22
CA ILE A 587 21.89 3.23 -20.13
C ILE A 587 21.51 1.90 -20.77
N ASN A 588 22.37 1.35 -21.60
CA ASN A 588 22.12 0.08 -22.28
C ASN A 588 22.52 -1.11 -21.42
N TRP A 589 22.68 -0.91 -20.12
CA TRP A 589 22.98 -2.00 -19.21
C TRP A 589 21.90 -3.07 -19.23
N TRP A 590 20.66 -2.68 -19.50
CA TRP A 590 19.55 -3.62 -19.47
C TRP A 590 19.41 -4.40 -20.76
N HIS A 591 20.24 -4.12 -21.77
CA HIS A 591 20.23 -4.94 -22.97
C HIS A 591 20.73 -6.34 -22.70
N TYR A 592 21.32 -6.57 -21.53
CA TYR A 592 21.96 -7.85 -21.25
C TYR A 592 21.09 -8.78 -20.43
N PHE A 593 19.80 -8.47 -20.29
CA PHE A 593 18.86 -9.47 -19.78
C PHE A 593 18.69 -10.61 -20.77
N VAL A 594 18.66 -10.29 -22.06
CA VAL A 594 18.55 -11.28 -23.11
C VAL A 594 19.88 -11.36 -23.86
N PRO A 595 20.80 -12.21 -23.43
CA PRO A 595 22.12 -12.26 -24.10
C PRO A 595 22.04 -12.61 -25.57
N SER A 596 20.95 -13.24 -26.00
CA SER A 596 20.80 -13.65 -27.39
C SER A 596 20.63 -12.49 -28.35
N LEU A 597 20.30 -11.30 -27.86
CA LEU A 597 20.09 -10.15 -28.73
C LEU A 597 21.29 -9.24 -28.90
N VAL A 598 22.12 -9.09 -27.87
CA VAL A 598 23.27 -8.20 -27.98
C VAL A 598 24.29 -8.77 -28.95
N ASN A 599 24.44 -10.10 -28.95
CA ASN A 599 25.44 -10.79 -29.78
C ASN A 599 26.86 -10.33 -29.47
N ASP A 600 27.18 -10.19 -28.20
CA ASP A 600 28.54 -9.87 -27.77
C ASP A 600 29.16 -11.11 -27.15
N ASP A 601 30.27 -11.55 -27.73
CA ASP A 601 31.02 -12.69 -27.23
C ASP A 601 32.24 -12.28 -26.43
N THR A 602 32.44 -10.99 -26.23
CA THR A 602 33.51 -10.54 -25.37
C THR A 602 33.23 -11.00 -23.93
N PRO A 603 34.23 -11.55 -23.24
CA PRO A 603 33.96 -12.08 -21.89
C PRO A 603 33.41 -11.07 -20.92
N ALA A 604 33.65 -9.77 -21.13
CA ALA A 604 33.10 -8.75 -20.23
C ALA A 604 31.58 -8.75 -20.25
N GLY A 605 30.99 -8.64 -21.45
CA GLY A 605 29.53 -8.66 -21.55
C GLY A 605 28.95 -9.99 -21.12
N LYS A 606 29.66 -11.07 -21.43
CA LYS A 606 29.21 -12.40 -21.02
C LYS A 606 29.15 -12.49 -19.50
N LEU A 607 30.18 -12.00 -18.81
CA LEU A 607 30.18 -12.02 -17.36
C LEU A 607 29.11 -11.11 -16.77
N PHE A 608 28.90 -9.92 -17.36
CA PHE A 608 27.86 -9.03 -16.84
C PHE A 608 26.48 -9.65 -17.01
N ALA A 609 26.21 -10.25 -18.17
CA ALA A 609 24.92 -10.92 -18.37
C ALA A 609 24.77 -12.09 -17.41
N SER A 610 25.85 -12.83 -17.14
CA SER A 610 25.78 -13.90 -16.16
C SER A 610 25.44 -13.36 -14.78
N THR A 611 26.05 -12.24 -14.40
CA THR A 611 25.76 -11.63 -13.11
C THR A 611 24.30 -11.24 -13.00
N LEU A 612 23.77 -10.57 -14.03
CA LEU A 612 22.35 -10.24 -14.06
C LEU A 612 21.50 -11.49 -13.89
N SER A 613 21.83 -12.55 -14.63
CA SER A 613 21.06 -13.78 -14.58
C SER A 613 21.02 -14.36 -13.18
N LYS A 614 22.19 -14.48 -12.53
CA LYS A 614 22.19 -15.09 -11.21
C LYS A 614 21.60 -14.17 -10.15
N LEU A 615 21.67 -12.86 -10.36
CA LEU A 615 21.07 -11.95 -9.42
C LEU A 615 19.56 -12.02 -9.46
N SER A 616 18.98 -12.17 -10.65
CA SER A 616 17.53 -12.11 -10.80
C SER A 616 16.80 -13.12 -9.92
N TYR A 617 17.52 -14.03 -9.26
CA TYR A 617 16.85 -15.02 -8.42
C TYR A 617 16.28 -14.40 -7.16
N TYR A 618 16.88 -13.32 -6.67
CA TYR A 618 16.58 -12.86 -5.31
C TYR A 618 15.30 -12.05 -5.20
N PRO A 619 14.97 -11.12 -6.09
CA PRO A 619 13.65 -10.48 -6.00
C PRO A 619 12.50 -11.46 -6.13
N ARG A 620 12.71 -12.57 -6.84
CA ARG A 620 11.68 -13.59 -6.95
C ARG A 620 11.52 -14.38 -5.66
N SER A 621 12.62 -14.55 -4.91
CA SER A 621 12.59 -15.46 -3.78
C SER A 621 12.47 -14.74 -2.44
N GLY A 622 13.35 -13.77 -2.19
CA GLY A 622 13.42 -13.11 -0.90
C GLY A 622 12.63 -11.82 -0.75
N ALA A 623 11.31 -11.87 -0.84
CA ALA A 623 10.52 -10.66 -0.79
C ALA A 623 9.19 -10.92 -0.11
N HIS A 624 8.52 -9.85 0.29
CA HIS A 624 7.14 -9.93 0.77
C HIS A 624 6.23 -9.26 -0.25
N LEU A 625 5.03 -9.77 -0.38
CA LEU A 625 4.03 -9.14 -1.24
C LEU A 625 3.25 -8.14 -0.39
N ASP A 626 3.08 -6.93 -0.90
CA ASP A 626 2.39 -5.91 -0.14
C ASP A 626 0.89 -6.14 -0.18
N SER A 627 0.25 -5.87 0.95
CA SER A 627 -1.20 -6.00 1.10
C SER A 627 -1.92 -4.83 0.47
N HIS A 628 -1.19 -3.92 -0.15
CA HIS A 628 -1.70 -2.61 -0.52
C HIS A 628 -2.38 -2.66 -1.88
N GLN A 629 -3.30 -3.59 -2.02
CA GLN A 629 -4.15 -3.67 -3.21
C GLN A 629 -4.85 -2.35 -3.49
N SER A 630 -5.25 -2.15 -4.74
CA SER A 630 -5.95 -0.93 -5.15
C SER A 630 -6.47 -1.08 -6.57
N CYS A 631 -7.27 -0.10 -6.99
CA CYS A 631 -7.53 0.18 -8.40
C CYS A 631 -8.31 -0.91 -9.09
N SER A 632 -9.44 -1.33 -8.53
CA SER A 632 -10.15 -2.45 -9.13
C SER A 632 -11.36 -2.06 -9.97
N CYS A 633 -11.91 -0.86 -9.80
CA CYS A 633 -13.10 -0.42 -10.55
C CYS A 633 -12.93 1.02 -11.01
N SER A 634 -11.78 1.30 -11.64
CA SER A 634 -11.25 2.65 -11.76
C SER A 634 -12.23 3.62 -12.39
N ILE A 635 -12.05 4.89 -12.05
CA ILE A 635 -12.72 5.97 -12.75
C ILE A 635 -12.29 5.95 -14.21
N GLY A 636 -13.26 6.08 -15.11
CA GLY A 636 -13.02 5.93 -16.51
C GLY A 636 -13.17 4.52 -17.02
N GLY A 637 -13.04 3.53 -16.15
CA GLY A 637 -13.27 2.16 -16.55
C GLY A 637 -14.71 1.71 -16.41
N THR A 638 -15.25 1.78 -15.19
CA THR A 638 -16.62 1.37 -14.92
C THR A 638 -17.43 2.44 -14.22
N VAL A 639 -16.82 3.54 -13.79
CA VAL A 639 -17.52 4.63 -13.13
C VAL A 639 -17.01 5.94 -13.70
N ASP A 640 -17.78 6.99 -13.48
CA ASP A 640 -17.42 8.33 -13.92
C ASP A 640 -16.76 9.09 -12.77
N THR A 641 -16.56 10.40 -12.98
CA THR A 641 -15.94 11.21 -11.94
C THR A 641 -16.86 11.39 -10.74
N GLU A 642 -18.13 10.99 -10.86
CA GLU A 642 -19.07 11.00 -9.76
C GLU A 642 -19.12 9.67 -9.03
N LEU A 643 -18.17 8.77 -9.31
CA LEU A 643 -18.05 7.48 -8.66
C LEU A 643 -19.23 6.59 -9.04
N LYS A 644 -20.17 7.15 -9.81
CA LYS A 644 -21.38 6.45 -10.16
C LYS A 644 -21.11 5.36 -11.19
N VAL A 645 -21.78 4.24 -11.02
CA VAL A 645 -21.60 3.09 -11.90
C VAL A 645 -22.32 3.32 -13.22
N ILE A 646 -21.61 3.05 -14.31
CA ILE A 646 -22.11 3.36 -15.63
C ILE A 646 -23.04 2.26 -16.13
N GLY A 647 -24.28 2.62 -16.41
CA GLY A 647 -25.28 1.68 -16.87
C GLY A 647 -26.58 1.70 -16.10
N VAL A 648 -26.58 2.25 -14.88
CA VAL A 648 -27.78 2.33 -14.04
C VAL A 648 -27.76 3.66 -13.31
N GLU A 649 -28.76 3.87 -12.46
CA GLU A 649 -28.98 5.19 -11.89
C GLU A 649 -28.76 5.30 -10.39
N ASN A 650 -28.72 4.19 -9.65
CA ASN A 650 -28.72 4.34 -8.20
C ASN A 650 -27.72 3.42 -7.49
N VAL A 651 -26.59 3.12 -8.12
CA VAL A 651 -25.52 2.37 -7.46
C VAL A 651 -24.21 3.10 -7.69
N ARG A 652 -23.44 3.28 -6.62
CA ARG A 652 -22.15 3.92 -6.78
C ARG A 652 -21.12 3.26 -5.88
N VAL A 653 -19.89 3.19 -6.37
CA VAL A 653 -18.76 2.59 -5.66
C VAL A 653 -17.88 3.71 -5.12
N THR A 654 -17.47 3.57 -3.87
CA THR A 654 -16.82 4.66 -3.15
C THR A 654 -15.64 4.17 -2.34
N ASP A 655 -14.90 3.19 -2.85
CA ASP A 655 -13.81 2.61 -2.07
C ASP A 655 -12.50 2.68 -2.85
N LEU A 656 -11.47 2.02 -2.31
CA LEU A 656 -10.13 2.07 -2.91
C LEU A 656 -10.06 1.38 -4.27
N SER A 657 -11.09 0.62 -4.64
CA SER A 657 -11.11 0.01 -5.97
C SER A 657 -11.25 1.03 -7.09
N ALA A 658 -11.83 2.19 -6.80
CA ALA A 658 -12.11 3.20 -7.81
C ALA A 658 -10.89 4.03 -8.19
N ALA A 659 -9.83 3.96 -7.40
CA ALA A 659 -8.67 4.80 -7.69
C ALA A 659 -8.13 4.47 -9.07
N PRO A 660 -8.03 5.45 -9.97
CA PRO A 660 -7.40 5.20 -11.28
C PRO A 660 -5.89 5.09 -11.23
N HIS A 661 -5.24 5.37 -10.10
CA HIS A 661 -3.81 5.11 -9.97
C HIS A 661 -3.43 4.86 -8.53
N PRO A 662 -2.46 3.99 -8.29
CA PRO A 662 -2.01 3.74 -6.92
C PRO A 662 -1.29 4.95 -6.36
N PRO A 663 -1.61 5.34 -5.14
CA PRO A 663 -0.92 6.47 -4.52
C PRO A 663 0.48 6.13 -4.09
N GLY A 664 1.18 7.12 -3.55
CA GLY A 664 2.59 7.05 -3.25
C GLY A 664 2.94 6.42 -1.94
N GLY A 665 2.00 5.80 -1.25
CA GLY A 665 2.30 5.25 0.05
C GLY A 665 1.27 4.27 0.51
N ASN A 666 1.43 3.85 1.76
CA ASN A 666 0.58 2.81 2.34
C ASN A 666 -0.87 3.22 2.29
N THR A 667 -1.65 2.51 1.49
CA THR A 667 -2.87 3.05 0.88
C THR A 667 -4.05 3.06 1.86
N TRP A 668 -3.86 3.74 2.99
CA TRP A 668 -4.91 3.93 3.97
C TRP A 668 -5.58 5.28 3.83
N CYS A 669 -4.77 6.34 3.73
CA CYS A 669 -5.30 7.69 3.73
C CYS A 669 -6.10 7.98 2.47
N THR A 670 -5.71 7.37 1.36
CA THR A 670 -6.40 7.62 0.09
C THR A 670 -7.85 7.16 0.13
N ALA A 671 -8.09 5.97 0.68
CA ALA A 671 -9.46 5.47 0.77
C ALA A 671 -10.29 6.34 1.73
N ALA A 672 -9.68 6.78 2.82
CA ALA A 672 -10.37 7.70 3.71
C ALA A 672 -10.78 8.97 2.98
N MET A 673 -9.86 9.51 2.18
CA MET A 673 -10.16 10.67 1.37
C MET A 673 -11.33 10.40 0.44
N ILE A 674 -11.33 9.23 -0.20
CA ILE A 674 -12.39 8.92 -1.14
C ILE A 674 -13.74 8.85 -0.42
N GLY A 675 -13.75 8.30 0.79
CA GLY A 675 -14.96 8.32 1.58
C GLY A 675 -15.46 9.73 1.85
N ALA A 676 -14.56 10.62 2.27
CA ALA A 676 -14.96 12.00 2.52
C ALA A 676 -15.53 12.64 1.27
N ARG A 677 -14.84 12.48 0.15
CA ARG A 677 -15.28 13.13 -1.08
C ARG A 677 -16.63 12.58 -1.53
N ALA A 678 -16.85 11.28 -1.36
CA ALA A 678 -18.12 10.69 -1.79
C ALA A 678 -19.26 11.14 -0.89
N THR A 679 -18.99 11.33 0.40
CA THR A 679 -19.96 12.00 1.24
C THR A 679 -20.36 13.33 0.64
N ASP A 680 -19.36 14.11 0.22
CA ASP A 680 -19.68 15.39 -0.40
C ASP A 680 -20.49 15.21 -1.67
N LEU A 681 -20.12 14.24 -2.50
CA LEU A 681 -20.78 14.07 -3.80
C LEU A 681 -22.25 13.71 -3.63
N ILE A 682 -22.56 12.80 -2.70
CA ILE A 682 -23.96 12.45 -2.45
C ILE A 682 -24.67 13.62 -1.78
N LEU A 683 -23.99 14.32 -0.87
CA LEU A 683 -24.61 15.44 -0.18
C LEU A 683 -25.01 16.54 -1.16
N GLY A 684 -24.12 16.86 -2.10
CA GLY A 684 -24.31 17.99 -2.98
C GLY A 684 -23.60 19.26 -2.56
N LYS A 685 -23.13 19.35 -1.32
CA LYS A 685 -22.44 20.52 -0.83
C LYS A 685 -21.25 20.14 0.03
N PRO A 686 -20.18 20.92 -0.03
CA PRO A 686 -19.00 20.62 0.79
C PRO A 686 -19.13 21.13 2.22
N LEU A 687 -19.25 20.20 3.16
CA LEU A 687 -19.21 20.54 4.59
C LEU A 687 -17.99 19.96 5.28
N VAL A 688 -17.61 18.72 4.93
CA VAL A 688 -16.38 18.15 5.48
C VAL A 688 -15.19 19.00 5.07
N ALA A 689 -15.17 19.47 3.82
CA ALA A 689 -14.13 20.40 3.39
C ALA A 689 -14.20 21.69 4.17
N ASN A 690 -15.39 22.08 4.60
CA ASN A 690 -15.56 23.35 5.27
C ASN A 690 -15.63 23.22 6.78
N LEU A 691 -15.61 22.01 7.33
CA LEU A 691 -15.49 21.88 8.77
C LEU A 691 -14.14 22.43 9.22
N PRO A 692 -14.08 23.08 10.38
CA PRO A 692 -12.79 23.52 10.91
C PRO A 692 -11.89 22.33 11.18
N PRO A 693 -10.59 22.49 10.93
CA PRO A 693 -9.68 21.34 11.03
C PRO A 693 -9.59 20.73 12.41
N GLU A 694 -9.92 21.47 13.46
CA GLU A 694 -9.61 21.04 14.82
C GLU A 694 -10.80 20.41 15.52
N ASP A 695 -11.88 20.12 14.81
CA ASP A 695 -12.98 19.33 15.33
C ASP A 695 -12.67 17.85 15.09
N VAL A 696 -12.67 17.06 16.16
CA VAL A 696 -12.43 15.63 16.09
C VAL A 696 -13.73 14.94 16.49
N PRO A 697 -14.06 13.77 15.95
CA PRO A 697 -15.10 12.96 16.57
C PRO A 697 -14.63 12.50 17.94
N VAL A 698 -15.60 12.30 18.82
CA VAL A 698 -15.29 11.91 20.20
C VAL A 698 -14.63 10.54 20.24
N PHE A 699 -13.75 10.35 21.23
CA PHE A 699 -13.01 9.11 21.39
C PHE A 699 -13.39 8.42 22.69
N THR A 700 -13.95 7.23 22.57
CA THR A 700 -14.29 6.43 23.74
C THR A 700 -14.03 4.95 23.49
PA FAD B . -11.25 -3.05 3.47
O1A FAD B . -10.75 -2.72 4.82
O2A FAD B . -10.75 -4.39 2.94
O5B FAD B . -12.81 -3.04 3.38
C5B FAD B . -13.57 -4.27 3.32
C4B FAD B . -14.52 -4.37 4.49
O4B FAD B . -15.81 -4.83 4.04
C3B FAD B . -14.10 -5.31 5.62
O3B FAD B . -14.49 -4.81 6.88
C2B FAD B . -14.88 -6.59 5.29
O2B FAD B . -15.18 -7.30 6.46
C1B FAD B . -16.17 -6.00 4.73
N9A FAD B . -16.85 -6.89 3.78
C8A FAD B . -16.29 -7.57 2.74
N7A FAD B . -17.13 -8.28 2.04
C5A FAD B . -18.35 -8.05 2.67
C6A FAD B . -19.65 -8.51 2.41
N6A FAD B . -19.96 -9.34 1.41
N1A FAD B . -20.65 -8.09 3.22
C2A FAD B . -20.34 -7.25 4.22
N3A FAD B . -19.15 -6.75 4.56
C4A FAD B . -18.19 -7.19 3.73
N1 FAD B . -2.18 0.49 5.83
C2 FAD B . -1.24 1.48 5.97
O2 FAD B . -1.52 2.67 5.75
N3 FAD B . 0.04 1.16 6.36
C4 FAD B . 0.51 -0.09 6.64
O4 FAD B . 1.68 -0.25 6.97
C4X FAD B . -0.49 -1.13 6.47
N5 FAD B . -0.12 -2.34 6.71
C5X FAD B . -1.05 -3.34 6.57
C6 FAD B . -0.68 -4.65 6.83
C7 FAD B . -1.59 -5.69 6.69
C7M FAD B . -1.15 -7.10 6.98
C8 FAD B . -2.91 -5.41 6.30
C8M FAD B . -3.92 -6.52 6.15
C9 FAD B . -3.29 -4.10 6.05
C9A FAD B . -2.37 -3.07 6.17
N10 FAD B . -2.71 -1.73 5.90
C10 FAD B . -1.80 -0.74 6.07
C1' FAD B . -4.10 -1.37 5.55
C2' FAD B . -4.36 -1.30 4.05
O2' FAD B . -3.19 -0.82 3.38
C3' FAD B . -5.53 -0.35 3.82
O3' FAD B . -5.84 0.27 5.06
C4' FAD B . -6.80 -1.01 3.30
O4' FAD B . -6.75 -1.08 1.88
C5' FAD B . -8.08 -0.30 3.71
O5' FAD B . -8.96 -0.24 2.58
P FAD B . -10.52 -0.42 2.74
O1P FAD B . -11.25 0.39 1.66
O2P FAD B . -10.89 -0.11 4.12
O3P FAD B . -10.78 -1.95 2.42
#